data_2IBS
#
_entry.id   2IBS
#
_cell.length_a   59.530
_cell.length_b   69.160
_cell.length_c   114.640
_cell.angle_alpha   90.00
_cell.angle_beta   92.18
_cell.angle_gamma   90.00
#
_symmetry.space_group_name_H-M   'P 1 21 1'
#
loop_
_entity.id
_entity.type
_entity.pdbx_description
1 polymer "5'-D(*GP*TP*TP*CP*GP*(2PR)P*TP*GP*TP*C)-3'"
2 polymer "5'-D(*GP*AP*CP*AP*TP*CP*GP*(6MA)P*AP*C)-3'"
3 polymer 'Modification methylase TaqI'
4 non-polymer "5'-DEOXY-5'-[2-(AMINO)ETHYLTHIO]ADENOSINE"
5 water water
#
loop_
_entity_poly.entity_id
_entity_poly.type
_entity_poly.pdbx_seq_one_letter_code
_entity_poly.pdbx_strand_id
1 'polydeoxyribonucleotide' (DG)(DT)(DT)(DC)(DG)(2PR)(DT)(DG)(DT)(DC) B,E
2 'polydeoxyribonucleotide' (DG)(DA)(DC)(DA)(DT)(DC)(DG)(6MA)(DA)(DC) C,F
3 'polypeptide(L)'
;MGLPPLLSLPSNSAPRSLGRVETPPEVVDFMVSLAEAPRGGRVLEPACAHGPFLRAFREAHGTAYRFVGVEIDPKALDLP
PWAEGILADFLLWEPGEAFDLILGNPPYGIVGEASKYPIHVFKAVKDLYKKAFSTWKGKYNLYGAFLEKAVRLLKPGGVL
VFVVPATWLVLEDFALLREFLAREGKTSVYYLGEVFPQKKVSAVVIRFQKSGKGLSLWDTQESESGFTPILWAEYPHWEG
EIIRFETEETRKLEISGMPLGDLFHIRFAARSPEFKKHPAVRKEPGPGLVPVLTGRNLKPGWVDYEKNHSGLWMPKERAK
ELRDFYATPHLVVAHTKGTRVVAAWDERAYPWREEFHLLPKEGVRLDPSSLVQWLNSEAMQKHVRTLYRDFVPHLTLRML
ERLPVRREYGFHTSPESARNF
;
A,D
#
loop_
_chem_comp.id
_chem_comp.type
_chem_comp.name
_chem_comp.formula
2PR DNA linking 2-AMINO-9-[2-DEOXYRIBOFURANOSYL]-9H-PURINE-5'-MONOPHOSPHATE 'C10 H14 N5 O6 P'
6MA DNA linking N6-METHYL-DEOXY-ADENOSINE-5'-MONOPHOSPHATE 'C11 H16 N5 O6 P'
DA DNA linking 2'-DEOXYADENOSINE-5'-MONOPHOSPHATE 'C10 H14 N5 O6 P'
DC DNA linking 2'-DEOXYCYTIDINE-5'-MONOPHOSPHATE 'C9 H14 N3 O7 P'
DG DNA linking 2'-DEOXYGUANOSINE-5'-MONOPHOSPHATE 'C10 H14 N5 O7 P'
DT DNA linking THYMIDINE-5'-MONOPHOSPHATE 'C10 H15 N2 O8 P'
NEA non-polymer 5'-DEOXY-5'-[2-(AMINO)ETHYLTHIO]ADENOSINE 'C12 H18 N6 O3 S'
#
# COMPACT_ATOMS: atom_id res chain seq x y z
P 2PR A 6 -5.52 -4.24 -23.35
OP1 2PR A 6 -6.10 -5.56 -23.06
OP2 2PR A 6 -6.41 -3.06 -23.44
O5' 2PR A 6 -4.36 -3.96 -22.29
C5' 2PR A 6 -4.68 -3.49 -20.98
C4' 2PR A 6 -3.89 -4.25 -19.92
O4' 2PR A 6 -4.00 -3.58 -18.64
C3' 2PR A 6 -4.32 -5.69 -19.64
O3' 2PR A 6 -3.17 -6.43 -19.23
C2' 2PR A 6 -5.35 -5.53 -18.51
C1' 2PR A 6 -4.77 -4.35 -17.73
N9 2PR A 6 -5.74 -3.42 -17.16
C8 2PR A 6 -7.02 -3.17 -17.58
N7 2PR A 6 -7.63 -2.26 -16.86
C5 2PR A 6 -6.69 -1.88 -15.91
C6 2PR A 6 -6.72 -0.95 -14.85
N1 2PR A 6 -5.61 -0.82 -14.10
C2 2PR A 6 -4.53 -1.58 -14.38
N2 2PR A 6 -3.47 -1.40 -13.60
N3 2PR A 6 -4.39 -2.49 -15.35
C4 2PR A 6 -5.52 -2.59 -16.08
P 6MA B 8 -13.51 -10.11 -36.82
OP1 6MA B 8 -13.48 -11.45 -36.22
OP2 6MA B 8 -14.05 -9.90 -38.18
O5' 6MA B 8 -14.29 -9.13 -35.81
C5' 6MA B 8 -13.86 -8.96 -34.45
C4' 6MA B 8 -13.90 -7.49 -34.01
O4' 6MA B 8 -12.74 -6.79 -34.54
C3' 6MA B 8 -15.11 -6.65 -34.42
O3' 6MA B 8 -15.43 -5.78 -33.33
C2' 6MA B 8 -14.61 -5.89 -35.65
C1' 6MA B 8 -13.13 -5.68 -35.32
N9 6MA B 8 -12.24 -5.66 -36.48
C8 6MA B 8 -12.36 -6.37 -37.64
N7 6MA B 8 -11.39 -6.16 -38.49
C5 6MA B 8 -10.58 -5.24 -37.86
C6 6MA B 8 -9.37 -4.60 -38.22
N1 6MA B 8 -8.82 -3.73 -37.35
C2 6MA B 8 -9.43 -3.53 -36.17
N3 6MA B 8 -10.55 -4.07 -35.71
C4 6MA B 8 -11.08 -4.93 -36.60
N6 6MA B 8 -8.72 -4.78 -39.39
C1 6MA B 8 -8.93 -5.93 -40.27
P 2PR C 6 -7.36 0.65 32.61
OP1 2PR C 6 -8.19 1.57 33.41
OP2 2PR C 6 -7.28 -0.79 32.98
O5' 2PR C 6 -7.81 0.76 31.07
C5' 2PR C 6 -9.00 0.11 30.64
C4' 2PR C 6 -9.82 1.03 29.74
O4' 2PR C 6 -10.80 0.26 29.00
C3' 2PR C 6 -10.62 2.12 30.46
O3' 2PR C 6 -10.65 3.25 29.61
C2' 2PR C 6 -12.00 1.50 30.64
C1' 2PR C 6 -12.12 0.56 29.43
N9 2PR C 6 -12.75 -0.73 29.66
C8 2PR C 6 -12.78 -1.47 30.81
N7 2PR C 6 -13.42 -2.61 30.70
C5 2PR C 6 -13.82 -2.63 29.37
C6 2PR C 6 -14.53 -3.57 28.61
N1 2PR C 6 -14.77 -3.29 27.30
C2 2PR C 6 -14.31 -2.13 26.80
N2 2PR C 6 -14.57 -1.91 25.51
N3 2PR C 6 -13.62 -1.17 27.43
C4 2PR C 6 -13.41 -1.48 28.71
P 6MA D 8 -0.28 3.64 47.33
OP1 6MA D 8 -1.16 4.81 47.48
OP2 6MA D 8 0.68 3.29 48.40
O5' 6MA D 8 -1.20 2.36 47.05
C5' 6MA D 8 -2.11 2.29 45.95
C4' 6MA D 8 -2.10 0.92 45.28
O4' 6MA D 8 -0.98 0.85 44.37
C3' 6MA D 8 -1.97 -0.30 46.18
O3' 6MA D 8 -2.79 -1.36 45.67
C2' 6MA D 8 -0.48 -0.64 46.13
C1' 6MA D 8 -0.11 -0.22 44.71
N9 6MA D 8 1.25 0.26 44.54
C8 6MA D 8 2.02 0.96 45.44
N7 6MA D 8 3.20 1.27 44.99
C5 6MA D 8 3.23 0.76 43.71
C6 6MA D 8 4.22 0.76 42.67
N1 6MA D 8 3.90 0.13 41.51
C2 6MA D 8 2.69 -0.42 41.38
N3 6MA D 8 1.69 -0.48 42.27
C4 6MA D 8 2.03 0.14 43.42
N6 6MA D 8 5.45 1.30 42.76
C1 6MA D 8 5.80 2.38 43.66
N VAL E 21 -7.76 -6.22 -10.06
CA VAL E 21 -6.75 -5.16 -10.32
C VAL E 21 -6.35 -4.46 -9.03
N GLU E 22 -5.04 -4.38 -8.79
CA GLU E 22 -4.50 -3.74 -7.60
C GLU E 22 -3.30 -2.85 -7.94
N THR E 23 -3.41 -1.57 -7.63
CA THR E 23 -2.32 -0.63 -7.82
C THR E 23 -1.31 -0.80 -6.68
N PRO E 24 -0.03 -1.04 -7.03
CA PRO E 24 1.04 -1.19 -6.04
C PRO E 24 1.13 0.01 -5.08
N PRO E 25 1.42 -0.25 -3.79
CA PRO E 25 1.48 0.79 -2.76
C PRO E 25 2.43 1.93 -3.11
N GLU E 26 3.59 1.59 -3.68
CA GLU E 26 4.59 2.59 -4.06
C GLU E 26 4.12 3.49 -5.22
N VAL E 27 3.26 2.96 -6.08
CA VAL E 27 2.63 3.76 -7.13
C VAL E 27 1.57 4.69 -6.54
N VAL E 28 0.76 4.18 -5.62
CA VAL E 28 -0.26 4.98 -4.93
C VAL E 28 0.37 6.11 -4.11
N ASP E 29 1.41 5.78 -3.34
CA ASP E 29 2.13 6.75 -2.52
C ASP E 29 2.74 7.88 -3.35
N PHE E 30 3.23 7.54 -4.55
CA PHE E 30 3.82 8.51 -5.46
C PHE E 30 2.79 9.49 -6.01
N MET E 31 1.61 8.96 -6.34
CA MET E 31 0.51 9.76 -6.90
C MET E 31 -0.11 10.68 -5.85
N VAL E 32 -0.20 10.19 -4.62
CA VAL E 32 -0.75 10.96 -3.50
C VAL E 32 0.15 12.14 -3.13
N SER E 33 1.47 11.96 -3.28
CA SER E 33 2.45 13.02 -3.04
C SER E 33 2.35 14.16 -4.07
N LEU E 34 1.72 13.86 -5.22
CA LEU E 34 1.51 14.84 -6.27
C LEU E 34 0.13 15.49 -6.18
N ALA E 35 -0.75 14.87 -5.40
CA ALA E 35 -2.13 15.34 -5.24
C ALA E 35 -2.24 16.53 -4.29
N GLU E 36 -3.15 17.45 -4.62
CA GLU E 36 -3.43 18.63 -3.81
C GLU E 36 -4.91 18.89 -3.71
N ALA E 37 -5.35 19.34 -2.54
CA ALA E 37 -6.74 19.75 -2.31
C ALA E 37 -6.80 20.82 -1.22
N PRO E 38 -7.65 21.85 -1.42
CA PRO E 38 -7.90 22.82 -0.35
C PRO E 38 -8.68 22.18 0.80
N ARG E 39 -8.60 22.77 1.98
CA ARG E 39 -9.32 22.25 3.15
C ARG E 39 -10.82 22.28 2.92
N GLY E 40 -11.48 21.15 3.20
CA GLY E 40 -12.92 21.00 2.94
C GLY E 40 -13.23 20.67 1.50
N GLY E 41 -12.19 20.52 0.69
CA GLY E 41 -12.32 20.25 -0.74
C GLY E 41 -12.90 18.88 -1.06
N ARG E 42 -13.46 18.75 -2.27
CA ARG E 42 -14.09 17.51 -2.70
C ARG E 42 -13.11 16.60 -3.43
N VAL E 43 -12.87 15.43 -2.85
CA VAL E 43 -11.91 14.46 -3.37
C VAL E 43 -12.65 13.23 -3.92
N LEU E 44 -12.43 12.93 -5.20
CA LEU E 44 -13.14 11.84 -5.87
C LEU E 44 -12.20 10.74 -6.37
N GLU E 45 -12.58 9.49 -6.13
CA GLU E 45 -11.94 8.35 -6.78
C GLU E 45 -12.94 7.61 -7.66
N PRO E 46 -12.80 7.73 -9.00
CA PRO E 46 -13.60 6.95 -9.93
C PRO E 46 -13.09 5.51 -9.99
N ALA E 47 -14.00 4.57 -10.27
CA ALA E 47 -13.69 3.13 -10.30
C ALA E 47 -12.98 2.69 -9.01
N CYS E 48 -13.53 3.14 -7.88
CA CYS E 48 -12.85 3.08 -6.58
C CYS E 48 -12.76 1.69 -5.96
N ALA E 49 -13.79 0.88 -6.16
CA ALA E 49 -13.93 -0.41 -5.47
C ALA E 49 -13.88 -0.23 -3.95
N HIS E 50 -12.80 -0.68 -3.32
CA HIS E 50 -12.61 -0.51 -1.87
C HIS E 50 -11.99 0.84 -1.52
N GLY E 51 -11.53 1.56 -2.53
CA GLY E 51 -11.04 2.94 -2.40
C GLY E 51 -9.66 3.13 -1.81
N PRO E 52 -8.61 2.53 -2.43
CA PRO E 52 -7.26 2.64 -1.87
C PRO E 52 -6.65 4.04 -1.97
N PHE E 53 -7.06 4.83 -2.96
CA PHE E 53 -6.54 6.18 -3.15
C PHE E 53 -7.14 7.20 -2.18
N LEU E 54 -8.41 6.99 -1.82
CA LEU E 54 -9.07 7.83 -0.82
C LEU E 54 -8.50 7.61 0.57
N ARG E 55 -8.16 6.35 0.87
CA ARG E 55 -7.56 5.98 2.15
C ARG E 55 -6.15 6.55 2.29
N ALA E 56 -5.35 6.44 1.22
CA ALA E 56 -3.97 6.91 1.21
C ALA E 56 -3.86 8.43 1.28
N PHE E 57 -4.81 9.12 0.63
CA PHE E 57 -4.87 10.58 0.67
C PHE E 57 -5.26 11.07 2.07
N ARG E 58 -6.19 10.36 2.70
CA ARG E 58 -6.65 10.70 4.05
C ARG E 58 -5.57 10.47 5.11
N GLU E 59 -4.81 9.37 4.96
CA GLU E 59 -3.70 9.06 5.86
C GLU E 59 -2.60 10.10 5.75
N ALA E 60 -2.39 10.62 4.54
CA ALA E 60 -1.31 11.58 4.26
C ALA E 60 -1.68 13.02 4.60
N HIS E 61 -2.92 13.41 4.31
CA HIS E 61 -3.31 14.82 4.36
C HIS E 61 -4.36 15.18 5.42
N GLY E 62 -4.99 14.18 6.02
CA GLY E 62 -5.98 14.43 7.08
C GLY E 62 -7.41 14.14 6.69
N THR E 63 -8.33 14.48 7.59
CA THR E 63 -9.74 14.07 7.46
C THR E 63 -10.68 15.18 7.00
N ALA E 64 -10.17 16.41 6.91
CA ALA E 64 -11.00 17.57 6.61
C ALA E 64 -11.19 17.80 5.10
N TYR E 65 -11.79 16.79 4.45
CA TYR E 65 -12.16 16.85 3.03
C TYR E 65 -13.45 16.07 2.85
N ARG E 66 -14.15 16.33 1.74
CA ARG E 66 -15.31 15.53 1.37
C ARG E 66 -14.90 14.41 0.40
N PHE E 67 -14.82 13.19 0.93
CA PHE E 67 -14.39 12.02 0.15
C PHE E 67 -15.56 11.34 -0.55
N VAL E 68 -15.41 11.12 -1.85
CA VAL E 68 -16.43 10.47 -2.68
C VAL E 68 -15.81 9.38 -3.54
N GLY E 69 -16.52 8.27 -3.70
CA GLY E 69 -16.09 7.18 -4.58
C GLY E 69 -17.21 6.73 -5.51
N VAL E 70 -16.86 6.51 -6.78
CA VAL E 70 -17.83 6.05 -7.79
C VAL E 70 -17.43 4.67 -8.32
N GLU E 71 -18.38 3.74 -8.28
CA GLU E 71 -18.16 2.34 -8.65
C GLU E 71 -19.40 1.76 -9.34
N ILE E 72 -19.19 0.98 -10.39
CA ILE E 72 -20.30 0.40 -11.17
C ILE E 72 -20.81 -0.93 -10.62
N ASP E 73 -19.92 -1.70 -9.99
CA ASP E 73 -20.22 -3.04 -9.50
C ASP E 73 -20.50 -3.04 -8.00
N PRO E 74 -21.74 -3.39 -7.59
CA PRO E 74 -22.15 -3.46 -6.18
C PRO E 74 -21.32 -4.41 -5.31
N LYS E 75 -20.74 -5.44 -5.94
CA LYS E 75 -19.88 -6.39 -5.23
C LYS E 75 -18.52 -5.78 -4.91
N ALA E 76 -18.10 -4.79 -5.70
CA ALA E 76 -16.78 -4.18 -5.56
C ALA E 76 -16.77 -3.00 -4.60
N LEU E 77 -17.87 -2.25 -4.55
CA LEU E 77 -17.96 -1.05 -3.70
C LEU E 77 -17.91 -1.41 -2.22
N ASP E 78 -16.85 -0.99 -1.56
CA ASP E 78 -16.63 -1.27 -0.15
C ASP E 78 -15.82 -0.15 0.49
N LEU E 79 -16.46 1.00 0.66
CA LEU E 79 -15.82 2.19 1.20
C LEU E 79 -16.11 2.35 2.70
N PRO E 80 -15.15 2.94 3.45
CA PRO E 80 -15.38 3.23 4.87
C PRO E 80 -16.46 4.29 5.06
N PRO E 81 -17.08 4.33 6.26
CA PRO E 81 -18.21 5.22 6.57
C PRO E 81 -17.93 6.72 6.38
N TRP E 82 -16.66 7.12 6.34
CA TRP E 82 -16.31 8.52 6.15
C TRP E 82 -16.34 8.99 4.69
N ALA E 83 -16.45 8.04 3.76
CA ALA E 83 -16.57 8.36 2.33
C ALA E 83 -17.98 8.06 1.81
N GLU E 84 -18.44 8.88 0.88
CA GLU E 84 -19.72 8.63 0.20
C GLU E 84 -19.51 7.72 -1.00
N GLY E 85 -20.23 6.60 -1.01
CA GLY E 85 -20.18 5.65 -2.12
C GLY E 85 -21.36 5.81 -3.06
N ILE E 86 -21.06 5.88 -4.36
CA ILE E 86 -22.09 6.04 -5.37
C ILE E 86 -22.01 4.91 -6.39
N LEU E 87 -23.10 4.16 -6.52
CA LEU E 87 -23.21 3.10 -7.52
C LEU E 87 -23.68 3.67 -8.85
N ALA E 88 -22.74 3.85 -9.76
CA ALA E 88 -23.02 4.46 -11.07
C ALA E 88 -21.90 4.19 -12.08
N ASP E 89 -22.23 4.36 -13.35
CA ASP E 89 -21.23 4.40 -14.41
C ASP E 89 -20.62 5.81 -14.40
N PHE E 90 -19.34 5.89 -14.03
CA PHE E 90 -18.62 7.15 -13.94
C PHE E 90 -18.66 7.97 -15.24
N LEU E 91 -18.63 7.27 -16.37
CA LEU E 91 -18.62 7.90 -17.69
C LEU E 91 -19.94 8.57 -18.09
N LEU E 92 -21.04 8.12 -17.47
CA LEU E 92 -22.35 8.69 -17.73
C LEU E 92 -22.96 9.33 -16.47
N TRP E 93 -22.10 9.60 -15.49
CA TRP E 93 -22.52 10.12 -14.18
C TRP E 93 -22.58 11.64 -14.18
N GLU E 94 -23.67 12.18 -13.63
CA GLU E 94 -23.85 13.63 -13.53
C GLU E 94 -24.05 14.09 -12.08
N PRO E 95 -22.94 14.43 -11.39
CA PRO E 95 -23.01 14.93 -10.01
C PRO E 95 -23.53 16.36 -9.92
N GLY E 96 -23.92 16.77 -8.71
CA GLY E 96 -24.42 18.12 -8.47
C GLY E 96 -23.32 19.17 -8.53
N GLU E 97 -22.24 18.93 -7.78
CA GLU E 97 -21.11 19.84 -7.71
C GLU E 97 -19.85 19.25 -8.36
N ALA E 98 -18.94 20.13 -8.79
CA ALA E 98 -17.67 19.74 -9.36
C ALA E 98 -16.65 19.35 -8.28
N PHE E 99 -15.47 18.89 -8.69
CA PHE E 99 -14.47 18.37 -7.75
C PHE E 99 -13.14 19.12 -7.76
N ASP E 100 -12.52 19.20 -6.59
CA ASP E 100 -11.22 19.86 -6.43
C ASP E 100 -10.07 18.93 -6.78
N LEU E 101 -10.23 17.65 -6.43
CA LEU E 101 -9.23 16.64 -6.74
C LEU E 101 -9.87 15.34 -7.20
N ILE E 102 -9.35 14.81 -8.30
CA ILE E 102 -9.72 13.48 -8.79
C ILE E 102 -8.45 12.64 -8.93
N LEU E 103 -8.48 11.46 -8.32
CA LEU E 103 -7.35 10.53 -8.38
C LEU E 103 -7.77 9.06 -8.49
N GLY E 104 -6.88 8.24 -9.04
CA GLY E 104 -7.11 6.80 -9.08
C GLY E 104 -6.54 6.06 -10.27
N ASN E 105 -6.97 4.81 -10.40
CA ASN E 105 -6.57 3.93 -11.48
C ASN E 105 -7.81 3.54 -12.28
N PRO E 106 -8.01 4.18 -13.46
CA PRO E 106 -9.16 3.89 -14.30
C PRO E 106 -9.01 2.54 -15.01
N PRO E 107 -10.14 1.93 -15.42
CA PRO E 107 -10.03 0.70 -16.23
C PRO E 107 -9.46 1.01 -17.61
N TYR E 108 -8.68 0.09 -18.17
CA TYR E 108 -8.15 0.22 -19.52
C TYR E 108 -8.82 -0.81 -20.43
N GLY E 109 -8.92 -0.49 -21.72
CA GLY E 109 -9.43 -1.44 -22.70
C GLY E 109 -10.27 -0.81 -23.80
N ILE E 110 -10.26 -1.46 -24.96
CA ILE E 110 -11.09 -1.06 -26.10
C ILE E 110 -12.48 -1.69 -25.96
N VAL E 111 -13.51 -0.89 -26.24
CA VAL E 111 -14.88 -1.38 -26.28
C VAL E 111 -15.17 -2.01 -27.64
N GLY E 112 -15.46 -3.32 -27.64
CA GLY E 112 -15.74 -4.05 -28.87
C GLY E 112 -16.11 -5.50 -28.66
N GLU E 113 -16.29 -6.22 -29.78
CA GLU E 113 -16.70 -7.62 -29.79
C GLU E 113 -15.81 -8.50 -28.90
N ALA E 114 -16.46 -9.38 -28.13
CA ALA E 114 -15.78 -10.24 -27.14
C ALA E 114 -14.66 -11.13 -27.67
N SER E 115 -14.74 -11.49 -28.96
CA SER E 115 -13.73 -12.35 -29.58
C SER E 115 -12.39 -11.63 -29.80
N LYS E 116 -12.43 -10.30 -29.77
CA LYS E 116 -11.26 -9.48 -30.09
C LYS E 116 -10.90 -8.47 -29.00
N TYR E 117 -11.91 -7.93 -28.32
CA TYR E 117 -11.71 -6.85 -27.35
C TYR E 117 -12.27 -7.18 -25.96
N PRO E 118 -11.68 -6.57 -24.91
CA PRO E 118 -12.01 -6.94 -23.52
C PRO E 118 -13.22 -6.25 -22.89
N ILE E 119 -13.64 -5.11 -23.42
CA ILE E 119 -14.75 -4.35 -22.82
C ILE E 119 -16.05 -4.57 -23.59
N HIS E 120 -17.03 -5.13 -22.89
CA HIS E 120 -18.27 -5.59 -23.53
C HIS E 120 -19.51 -4.93 -22.95
N VAL E 121 -20.08 -4.01 -23.72
CA VAL E 121 -21.33 -3.35 -23.37
C VAL E 121 -22.25 -3.33 -24.58
N PHE E 122 -23.54 -3.10 -24.35
CA PHE E 122 -24.52 -2.94 -25.44
C PHE E 122 -24.05 -1.84 -26.41
N LYS E 123 -24.37 -2.01 -27.68
CA LYS E 123 -24.05 -1.01 -28.71
C LYS E 123 -24.59 0.37 -28.35
N ALA E 124 -25.78 0.39 -27.76
CA ALA E 124 -26.44 1.64 -27.33
C ALA E 124 -25.68 2.35 -26.20
N VAL E 125 -25.02 1.59 -25.35
CA VAL E 125 -24.20 2.12 -24.26
C VAL E 125 -22.91 2.76 -24.83
N LYS E 126 -22.30 2.11 -25.81
CA LYS E 126 -21.14 2.65 -26.51
C LYS E 126 -21.48 3.93 -27.29
N ASP E 127 -22.70 3.98 -27.84
CA ASP E 127 -23.21 5.18 -28.50
C ASP E 127 -23.35 6.34 -27.52
N LEU E 128 -23.73 6.04 -26.28
CA LEU E 128 -23.81 7.04 -25.22
C LEU E 128 -22.42 7.58 -24.85
N TYR E 129 -21.42 6.71 -24.91
CA TYR E 129 -20.02 7.11 -24.67
C TYR E 129 -19.51 8.04 -25.77
N LYS E 130 -19.72 7.65 -27.02
CA LYS E 130 -19.31 8.44 -28.19
C LYS E 130 -19.94 9.83 -28.19
N LYS E 131 -21.20 9.90 -27.78
CA LYS E 131 -21.94 11.16 -27.69
C LYS E 131 -21.37 12.07 -26.60
N ALA E 132 -21.00 11.46 -25.47
CA ALA E 132 -20.53 12.20 -24.31
C ALA E 132 -19.10 12.75 -24.46
N PHE E 133 -18.27 12.03 -25.20
CA PHE E 133 -16.84 12.32 -25.24
C PHE E 133 -16.35 12.85 -26.59
N SER E 134 -15.88 14.08 -26.58
CA SER E 134 -15.42 14.78 -27.80
C SER E 134 -14.05 14.31 -28.26
N THR E 135 -13.32 13.62 -27.38
CA THR E 135 -11.99 13.11 -27.71
C THR E 135 -12.03 11.68 -28.28
N TRP E 136 -13.22 11.09 -28.31
CA TRP E 136 -13.41 9.73 -28.81
C TRP E 136 -13.05 9.64 -30.30
N LYS E 137 -12.03 8.83 -30.59
CA LYS E 137 -11.51 8.69 -31.96
C LYS E 137 -11.14 7.23 -32.23
N GLY E 138 -11.53 6.74 -33.41
CA GLY E 138 -11.28 5.36 -33.83
C GLY E 138 -11.94 4.36 -32.91
N LYS E 139 -11.19 3.34 -32.52
CA LYS E 139 -11.65 2.35 -31.54
C LYS E 139 -11.62 2.96 -30.13
N TYR E 140 -10.65 3.84 -29.91
CA TYR E 140 -10.43 4.55 -28.64
C TYR E 140 -10.24 3.60 -27.46
N ASN E 141 -10.28 4.15 -26.25
CA ASN E 141 -10.02 3.38 -25.04
C ASN E 141 -10.86 3.89 -23.88
N LEU E 142 -11.11 2.99 -22.93
CA LEU E 142 -11.85 3.31 -21.71
C LEU E 142 -11.11 4.33 -20.85
N TYR E 143 -9.78 4.25 -20.84
CA TYR E 143 -8.96 5.15 -20.01
C TYR E 143 -8.87 6.57 -20.57
N GLY E 144 -9.02 6.69 -21.89
CA GLY E 144 -9.11 8.00 -22.54
C GLY E 144 -10.40 8.71 -22.17
N ALA E 145 -11.50 7.97 -22.17
CA ALA E 145 -12.81 8.51 -21.79
C ALA E 145 -12.86 8.92 -20.32
N PHE E 146 -12.24 8.10 -19.45
CA PHE E 146 -12.09 8.41 -18.03
C PHE E 146 -11.31 9.71 -17.79
N LEU E 147 -10.27 9.92 -18.61
CA LEU E 147 -9.47 11.15 -18.54
C LEU E 147 -10.27 12.40 -18.91
N GLU E 148 -11.05 12.32 -19.99
CA GLU E 148 -11.87 13.44 -20.43
C GLU E 148 -13.02 13.71 -19.46
N LYS E 149 -13.65 12.65 -18.96
CA LYS E 149 -14.72 12.76 -17.98
C LYS E 149 -14.24 13.45 -16.70
N ALA E 150 -13.05 13.07 -16.24
CA ALA E 150 -12.46 13.63 -15.03
C ALA E 150 -12.14 15.11 -15.15
N VAL E 151 -11.58 15.51 -16.30
CA VAL E 151 -11.27 16.92 -16.57
C VAL E 151 -12.54 17.77 -16.57
N ARG E 152 -13.61 17.25 -17.16
CA ARG E 152 -14.91 17.93 -17.20
C ARG E 152 -15.57 18.09 -15.82
N LEU E 153 -15.21 17.21 -14.89
CA LEU E 153 -15.74 17.25 -13.53
C LEU E 153 -14.87 18.07 -12.58
N LEU E 154 -13.72 18.52 -13.07
CA LEU E 154 -12.79 19.35 -12.31
C LEU E 154 -13.27 20.80 -12.22
N LYS E 155 -13.13 21.38 -11.03
CA LYS E 155 -13.29 22.82 -10.83
C LYS E 155 -12.13 23.56 -11.51
N PRO E 156 -12.33 24.83 -11.89
CA PRO E 156 -11.20 25.64 -12.33
C PRO E 156 -10.08 25.63 -11.29
N GLY E 157 -8.88 25.24 -11.70
CA GLY E 157 -7.74 25.09 -10.79
C GLY E 157 -7.70 23.73 -10.11
N GLY E 158 -8.66 22.87 -10.44
CA GLY E 158 -8.74 21.53 -9.87
C GLY E 158 -7.65 20.61 -10.37
N VAL E 159 -7.29 19.61 -9.57
CA VAL E 159 -6.16 18.73 -9.86
C VAL E 159 -6.62 17.31 -10.16
N LEU E 160 -6.01 16.71 -11.19
CA LEU E 160 -6.25 15.32 -11.57
C LEU E 160 -4.92 14.55 -11.51
N VAL E 161 -4.96 13.37 -10.90
CA VAL E 161 -3.79 12.47 -10.85
C VAL E 161 -4.22 11.03 -11.17
N PHE E 162 -3.94 10.60 -12.40
CA PHE E 162 -4.32 9.27 -12.88
C PHE E 162 -3.09 8.44 -13.26
N VAL E 163 -3.21 7.12 -13.13
CA VAL E 163 -2.22 6.20 -13.69
C VAL E 163 -2.83 5.45 -14.87
N VAL E 164 -2.22 5.65 -16.04
CA VAL E 164 -2.75 5.14 -17.31
C VAL E 164 -1.60 4.58 -18.15
N PRO E 165 -1.92 3.79 -19.21
CA PRO E 165 -0.87 3.34 -20.14
C PRO E 165 -0.20 4.52 -20.83
N ALA E 166 1.02 4.30 -21.33
CA ALA E 166 1.81 5.35 -21.96
C ALA E 166 1.43 5.58 -23.43
N THR E 167 0.47 4.80 -23.92
CA THR E 167 0.13 4.77 -25.34
C THR E 167 -0.43 6.08 -25.89
N TRP E 168 -1.06 6.88 -25.02
CA TRP E 168 -1.67 8.14 -25.41
C TRP E 168 -0.66 9.25 -25.78
N LEU E 169 0.61 9.03 -25.43
CA LEU E 169 1.68 9.99 -25.75
C LEU E 169 2.00 10.03 -27.24
N VAL E 170 1.84 8.89 -27.91
CA VAL E 170 2.29 8.73 -29.31
C VAL E 170 1.19 8.41 -30.33
N LEU E 171 0.14 7.73 -29.90
CA LEU E 171 -0.84 7.15 -30.83
C LEU E 171 -1.86 8.15 -31.39
N GLU E 172 -2.34 7.85 -32.60
CA GLU E 172 -3.30 8.69 -33.33
C GLU E 172 -4.70 8.73 -32.70
N ASP E 173 -5.13 7.60 -32.15
CA ASP E 173 -6.42 7.50 -31.45
C ASP E 173 -6.55 8.51 -30.30
N PHE E 174 -5.43 9.04 -29.83
CA PHE E 174 -5.41 9.95 -28.69
C PHE E 174 -4.98 11.38 -29.06
N ALA E 175 -5.02 11.70 -30.35
CA ALA E 175 -4.68 13.04 -30.84
C ALA E 175 -5.64 14.10 -30.33
N LEU E 176 -6.93 13.78 -30.33
CA LEU E 176 -7.96 14.68 -29.80
C LEU E 176 -7.87 14.83 -28.28
N LEU E 177 -7.49 13.75 -27.60
CA LEU E 177 -7.27 13.78 -26.15
C LEU E 177 -6.08 14.66 -25.77
N ARG E 178 -4.96 14.51 -26.49
CA ARG E 178 -3.77 15.35 -26.29
C ARG E 178 -4.06 16.82 -26.52
N GLU E 179 -4.81 17.11 -27.60
CA GLU E 179 -5.23 18.47 -27.92
C GLU E 179 -6.18 19.04 -26.87
N PHE E 180 -7.06 18.17 -26.36
CA PHE E 180 -8.00 18.53 -25.29
C PHE E 180 -7.28 18.96 -24.02
N LEU E 181 -6.36 18.11 -23.55
CA LEU E 181 -5.60 18.37 -22.32
C LEU E 181 -4.74 19.64 -22.40
N ALA E 182 -4.14 19.87 -23.57
CA ALA E 182 -3.33 21.07 -23.81
C ALA E 182 -4.16 22.35 -23.78
N ARG E 183 -5.45 22.20 -24.12
CA ARG E 183 -6.39 23.31 -24.21
C ARG E 183 -7.07 23.60 -22.86
N GLU E 184 -7.22 22.57 -22.04
CA GLU E 184 -8.01 22.67 -20.79
C GLU E 184 -7.21 23.12 -19.57
N GLY E 185 -5.89 22.95 -19.61
CA GLY E 185 -5.03 23.33 -18.50
C GLY E 185 -3.58 22.95 -18.70
N LYS E 186 -2.86 22.70 -17.59
CA LYS E 186 -1.45 22.32 -17.64
C LYS E 186 -1.24 20.86 -17.24
N THR E 187 -0.28 20.21 -17.91
CA THR E 187 -0.09 18.77 -17.79
C THR E 187 1.34 18.42 -17.39
N SER E 188 1.46 17.52 -16.42
CA SER E 188 2.73 16.89 -16.09
C SER E 188 2.63 15.38 -16.33
N VAL E 189 3.62 14.83 -17.02
CA VAL E 189 3.65 13.40 -17.34
C VAL E 189 4.87 12.75 -16.69
N TYR E 190 4.62 11.69 -15.90
CA TYR E 190 5.66 10.97 -15.18
C TYR E 190 5.73 9.54 -15.68
N TYR E 191 6.81 9.20 -16.38
CA TYR E 191 6.99 7.86 -16.91
C TYR E 191 7.36 6.86 -15.81
N LEU E 192 6.56 5.81 -15.69
CA LEU E 192 6.82 4.74 -14.72
C LEU E 192 7.34 3.48 -15.41
N GLY E 193 6.73 3.13 -16.54
CA GLY E 193 7.08 1.92 -17.27
C GLY E 193 6.21 0.75 -16.84
N GLU E 194 6.72 -0.46 -17.06
CA GLU E 194 5.98 -1.67 -16.71
C GLU E 194 6.08 -1.95 -15.21
N VAL E 195 5.24 -1.25 -14.45
CA VAL E 195 5.25 -1.29 -12.99
C VAL E 195 4.12 -2.14 -12.39
N PHE E 196 3.28 -2.70 -13.25
CA PHE E 196 2.21 -3.60 -12.82
C PHE E 196 2.60 -5.05 -13.04
N PRO E 197 2.83 -5.82 -11.96
CA PRO E 197 3.13 -7.26 -12.05
C PRO E 197 2.01 -8.03 -12.73
N GLN E 198 2.39 -9.02 -13.54
CA GLN E 198 1.46 -9.81 -14.38
C GLN E 198 0.43 -9.01 -15.20
N LYS E 199 0.78 -7.77 -15.55
CA LYS E 199 0.03 -6.96 -16.51
C LYS E 199 0.95 -6.38 -17.56
N LYS E 200 0.71 -6.72 -18.83
CA LYS E 200 1.51 -6.20 -19.95
C LYS E 200 1.09 -4.78 -20.31
N VAL E 201 1.62 -3.82 -19.57
CA VAL E 201 1.31 -2.41 -19.77
C VAL E 201 2.46 -1.52 -19.30
N SER E 202 2.90 -0.62 -20.18
CA SER E 202 3.84 0.44 -19.82
C SER E 202 3.05 1.64 -19.34
N ALA E 203 3.26 2.03 -18.09
CA ALA E 203 2.40 3.02 -17.44
C ALA E 203 3.05 4.39 -17.23
N VAL E 204 2.22 5.42 -17.28
CA VAL E 204 2.62 6.78 -16.94
C VAL E 204 1.66 7.37 -15.90
N VAL E 205 2.14 8.32 -15.12
CA VAL E 205 1.29 9.12 -14.26
C VAL E 205 1.07 10.49 -14.92
N ILE E 206 -0.19 10.86 -15.05
CA ILE E 206 -0.54 12.20 -15.53
C ILE E 206 -1.03 13.05 -14.37
N ARG E 207 -0.38 14.20 -14.18
CA ARG E 207 -0.89 15.22 -13.27
C ARG E 207 -1.44 16.38 -14.10
N PHE E 208 -2.75 16.55 -14.05
CA PHE E 208 -3.42 17.63 -14.77
C PHE E 208 -4.03 18.64 -13.80
N GLN E 209 -3.84 19.92 -14.08
CA GLN E 209 -4.52 20.99 -13.34
C GLN E 209 -5.33 21.85 -14.32
N LYS E 210 -6.58 22.10 -13.98
CA LYS E 210 -7.48 22.86 -14.86
C LYS E 210 -7.23 24.36 -14.79
N SER E 211 -5.96 24.73 -14.99
CA SER E 211 -5.51 26.12 -15.05
C SER E 211 -4.14 26.16 -15.71
N GLY E 212 -3.80 27.32 -16.28
CA GLY E 212 -2.51 27.49 -16.96
C GLY E 212 -2.41 26.70 -18.25
N LYS E 213 -1.18 26.42 -18.67
CA LYS E 213 -0.92 25.71 -19.92
C LYS E 213 0.48 25.09 -19.97
N GLY E 214 0.73 24.28 -20.99
CA GLY E 214 2.04 23.69 -21.20
C GLY E 214 2.18 22.26 -20.70
N LEU E 215 3.26 21.61 -21.11
CA LEU E 215 3.53 20.23 -20.74
C LEU E 215 4.89 20.11 -20.06
N SER E 216 4.94 19.27 -19.02
CA SER E 216 6.20 18.92 -18.37
C SER E 216 6.38 17.41 -18.39
N LEU E 217 7.49 16.94 -18.93
CA LEU E 217 7.80 15.52 -19.00
C LEU E 217 8.81 15.14 -17.92
N TRP E 218 8.53 14.04 -17.22
CA TRP E 218 9.36 13.58 -16.12
C TRP E 218 9.73 12.11 -16.28
N ASP E 219 10.98 11.78 -15.94
CA ASP E 219 11.41 10.41 -15.76
C ASP E 219 11.32 10.09 -14.27
N THR E 220 11.37 8.81 -13.91
CA THR E 220 11.37 8.41 -12.51
C THR E 220 12.47 7.39 -12.20
N GLN E 221 12.91 7.37 -10.94
CA GLN E 221 13.75 6.30 -10.43
C GLN E 221 13.06 5.60 -9.25
N GLU E 222 13.11 4.28 -9.25
CA GLU E 222 12.47 3.49 -8.20
C GLU E 222 13.49 3.06 -7.14
N SER E 223 13.16 3.34 -5.88
CA SER E 223 13.95 2.89 -4.75
C SER E 223 13.04 2.17 -3.75
N GLU E 224 13.62 1.69 -2.64
CA GLU E 224 12.84 1.05 -1.58
C GLU E 224 11.91 2.05 -0.89
N SER E 225 12.31 3.32 -0.90
CA SER E 225 11.53 4.41 -0.32
C SER E 225 10.39 4.88 -1.22
N GLY E 226 10.41 4.45 -2.49
CA GLY E 226 9.37 4.80 -3.45
C GLY E 226 9.89 5.33 -4.78
N PHE E 227 9.06 6.12 -5.46
CA PHE E 227 9.44 6.72 -6.73
C PHE E 227 9.87 8.18 -6.57
N THR E 228 10.97 8.53 -7.24
CA THR E 228 11.48 9.90 -7.25
C THR E 228 11.38 10.47 -8.67
N PRO E 229 10.69 11.63 -8.82
CA PRO E 229 10.58 12.25 -10.15
C PRO E 229 11.87 12.97 -10.57
N ILE E 230 12.23 12.82 -11.84
CA ILE E 230 13.38 13.49 -12.45
C ILE E 230 12.89 14.27 -13.66
N LEU E 231 13.05 15.59 -13.64
CA LEU E 231 12.60 16.44 -14.74
C LEU E 231 13.40 16.18 -16.01
N TRP E 232 12.70 15.95 -17.12
CA TRP E 232 13.33 15.62 -18.39
C TRP E 232 13.29 16.78 -19.37
N ALA E 233 12.10 17.34 -19.60
CA ALA E 233 11.90 18.41 -20.58
C ALA E 233 10.63 19.19 -20.29
N GLU E 234 10.60 20.44 -20.74
CA GLU E 234 9.43 21.30 -20.60
C GLU E 234 8.98 21.82 -21.95
N TYR E 235 7.68 21.74 -22.20
CA TYR E 235 7.08 22.26 -23.43
C TYR E 235 5.95 23.23 -23.07
N PRO E 236 6.29 24.51 -22.85
CA PRO E 236 5.32 25.52 -22.39
C PRO E 236 4.23 25.86 -23.41
N HIS E 237 4.49 25.59 -24.69
CA HIS E 237 3.54 25.91 -25.76
C HIS E 237 2.92 24.65 -26.40
N TRP E 238 2.95 23.55 -25.65
CA TRP E 238 2.40 22.26 -26.11
C TRP E 238 0.92 22.40 -26.50
N GLU E 239 0.62 21.98 -27.74
CA GLU E 239 -0.73 22.10 -28.30
C GLU E 239 -1.41 20.73 -28.50
N GLY E 240 -0.73 19.67 -28.07
CA GLY E 240 -1.25 18.32 -28.23
C GLY E 240 -0.42 17.45 -29.16
N GLU E 241 0.82 17.89 -29.41
CA GLU E 241 1.77 17.14 -30.24
C GLU E 241 2.17 15.84 -29.57
N ILE E 242 2.66 14.88 -30.37
CA ILE E 242 3.19 13.62 -29.86
C ILE E 242 4.29 13.89 -28.82
N ILE E 243 4.20 13.20 -27.69
CA ILE E 243 5.15 13.37 -26.58
C ILE E 243 6.28 12.34 -26.67
N ARG E 244 7.51 12.83 -26.67
CA ARG E 244 8.70 11.99 -26.81
C ARG E 244 9.78 12.40 -25.81
N PHE E 245 10.64 11.45 -25.46
CA PHE E 245 11.82 11.75 -24.64
C PHE E 245 13.00 12.16 -25.53
N GLU E 246 13.06 13.46 -25.84
CA GLU E 246 14.09 14.03 -26.70
C GLU E 246 15.39 14.31 -25.95
N THR E 247 16.50 14.18 -26.68
CA THR E 247 17.82 14.54 -26.15
C THR E 247 18.56 15.41 -27.17
N GLU E 248 19.76 15.86 -26.79
CA GLU E 248 20.66 16.56 -27.71
C GLU E 248 21.04 15.66 -28.90
N GLU E 249 21.24 14.37 -28.62
CA GLU E 249 21.56 13.38 -29.64
C GLU E 249 20.44 13.15 -30.67
N THR E 250 19.21 13.01 -30.20
CA THR E 250 18.06 12.77 -31.09
C THR E 250 17.79 13.96 -32.02
N ARG E 251 17.92 15.17 -31.50
CA ARG E 251 17.77 16.39 -32.28
C ARG E 251 18.84 16.50 -33.36
N LYS E 252 20.08 16.18 -32.97
CA LYS E 252 21.23 16.23 -33.87
C LYS E 252 21.06 15.29 -35.07
N LEU E 253 20.58 14.09 -34.80
CA LEU E 253 20.37 13.08 -35.84
C LEU E 253 19.18 13.43 -36.77
N GLU E 254 18.16 14.06 -36.21
CA GLU E 254 16.95 14.39 -36.97
C GLU E 254 17.14 15.49 -38.01
N ILE E 255 17.99 16.47 -37.72
CA ILE E 255 18.31 17.53 -38.69
C ILE E 255 19.48 17.18 -39.61
N SER E 256 20.02 15.97 -39.46
CA SER E 256 21.14 15.51 -40.29
C SER E 256 20.68 15.01 -41.67
N GLY E 257 19.40 14.66 -41.78
CA GLY E 257 18.85 14.17 -43.04
C GLY E 257 17.37 14.45 -43.20
N MET E 258 16.83 14.04 -44.35
CA MET E 258 15.40 14.18 -44.64
C MET E 258 14.59 13.14 -43.87
N PRO E 259 13.35 13.49 -43.46
CA PRO E 259 12.44 12.51 -42.88
C PRO E 259 12.08 11.44 -43.90
N LEU E 260 11.98 10.19 -43.45
CA LEU E 260 11.65 9.05 -44.31
C LEU E 260 10.31 9.22 -45.03
N GLY E 261 9.36 9.89 -44.37
CA GLY E 261 8.05 10.19 -44.95
C GLY E 261 8.09 11.15 -46.12
N ASP E 262 9.15 11.94 -46.20
CA ASP E 262 9.37 12.87 -47.32
C ASP E 262 9.87 12.16 -48.58
N LEU E 263 10.45 10.97 -48.40
CA LEU E 263 11.03 10.21 -49.50
C LEU E 263 10.12 9.10 -50.01
N PHE E 264 9.28 8.57 -49.13
CA PHE E 264 8.45 7.41 -49.44
C PHE E 264 6.96 7.64 -49.19
N HIS E 265 6.14 7.03 -50.05
CA HIS E 265 4.73 6.81 -49.74
C HIS E 265 4.68 5.58 -48.83
N ILE E 266 4.16 5.74 -47.63
CA ILE E 266 4.10 4.61 -46.69
C ILE E 266 2.69 4.04 -46.60
N ARG E 267 2.56 2.78 -47.03
CA ARG E 267 1.31 2.05 -47.00
C ARG E 267 1.44 0.85 -46.08
N PHE E 268 0.32 0.36 -45.58
CA PHE E 268 0.31 -0.88 -44.80
C PHE E 268 -0.17 -2.03 -45.67
N ALA E 269 0.15 -3.25 -45.27
CA ALA E 269 -0.29 -4.45 -45.98
C ALA E 269 -1.80 -4.62 -45.92
N ALA E 270 -2.33 -5.41 -46.86
CA ALA E 270 -3.72 -5.84 -46.80
C ALA E 270 -3.94 -6.66 -45.54
N ARG E 271 -5.15 -6.59 -44.98
CA ARG E 271 -5.43 -7.26 -43.73
C ARG E 271 -5.86 -8.71 -43.97
N SER E 272 -5.74 -9.53 -42.93
CA SER E 272 -6.05 -10.97 -43.01
C SER E 272 -7.41 -11.34 -43.64
N PRO E 273 -8.50 -10.59 -43.30
CA PRO E 273 -9.80 -10.92 -43.90
C PRO E 273 -9.83 -10.77 -45.42
N GLU E 274 -9.09 -9.81 -45.97
CA GLU E 274 -9.03 -9.59 -47.42
C GLU E 274 -8.45 -10.80 -48.15
N PHE E 275 -7.41 -11.39 -47.56
CA PHE E 275 -6.79 -12.61 -48.11
C PHE E 275 -7.71 -13.82 -47.97
N LYS E 276 -8.28 -14.00 -46.76
CA LYS E 276 -9.10 -15.18 -46.44
C LYS E 276 -10.28 -15.39 -47.36
N LYS E 277 -10.90 -14.29 -47.79
CA LYS E 277 -12.09 -14.35 -48.66
C LYS E 277 -11.72 -14.35 -50.14
N HIS E 278 -10.48 -14.01 -50.47
CA HIS E 278 -10.02 -13.90 -51.86
C HIS E 278 -9.93 -15.29 -52.53
N PRO E 279 -10.58 -15.45 -53.70
CA PRO E 279 -10.67 -16.73 -54.42
C PRO E 279 -9.34 -17.38 -54.82
N ALA E 280 -8.28 -16.59 -54.96
CA ALA E 280 -6.96 -17.10 -55.34
C ALA E 280 -6.17 -17.68 -54.16
N VAL E 281 -6.61 -17.35 -52.94
CA VAL E 281 -5.90 -17.76 -51.73
C VAL E 281 -6.34 -19.16 -51.25
N ARG E 282 -5.36 -19.97 -50.88
CA ARG E 282 -5.57 -21.33 -50.40
C ARG E 282 -5.10 -21.50 -48.96
N LYS E 283 -5.67 -22.47 -48.27
CA LYS E 283 -5.31 -22.76 -46.87
C LYS E 283 -4.25 -23.86 -46.78
N GLU E 284 -3.74 -24.28 -47.93
CA GLU E 284 -2.77 -25.37 -48.02
C GLU E 284 -1.80 -25.09 -49.18
N PRO E 285 -0.52 -25.51 -49.04
CA PRO E 285 0.44 -25.29 -50.13
C PRO E 285 0.13 -26.10 -51.40
N GLY E 286 0.74 -25.71 -52.52
CA GLY E 286 0.51 -26.38 -53.80
C GLY E 286 1.33 -25.80 -54.93
N PRO E 287 1.23 -26.39 -56.13
CA PRO E 287 1.99 -25.94 -57.30
C PRO E 287 1.64 -24.51 -57.70
N GLY E 288 2.66 -23.68 -57.87
CA GLY E 288 2.48 -22.27 -58.24
C GLY E 288 2.06 -21.37 -57.10
N LEU E 289 1.81 -21.98 -55.93
CA LEU E 289 1.35 -21.24 -54.76
C LEU E 289 2.51 -20.81 -53.86
N VAL E 290 2.37 -19.64 -53.25
CA VAL E 290 3.43 -19.02 -52.48
C VAL E 290 2.85 -18.52 -51.15
N PRO E 291 3.64 -18.57 -50.06
CA PRO E 291 3.17 -18.12 -48.74
C PRO E 291 2.86 -16.63 -48.67
N VAL E 292 1.74 -16.29 -48.04
CA VAL E 292 1.42 -14.91 -47.69
C VAL E 292 2.21 -14.57 -46.42
N LEU E 293 3.12 -13.61 -46.55
CA LEU E 293 4.12 -13.33 -45.52
C LEU E 293 3.60 -12.48 -44.36
N THR E 294 4.15 -12.72 -43.17
CA THR E 294 3.84 -11.94 -41.97
C THR E 294 5.11 -11.33 -41.40
N GLY E 295 5.00 -10.76 -40.20
CA GLY E 295 6.15 -10.20 -39.49
C GLY E 295 7.20 -11.24 -39.09
N ARG E 296 6.78 -12.50 -39.04
CA ARG E 296 7.68 -13.61 -38.72
C ARG E 296 8.55 -14.02 -39.91
N ASN E 297 8.22 -13.50 -41.09
CA ASN E 297 9.02 -13.71 -42.30
C ASN E 297 10.06 -12.61 -42.51
N LEU E 298 9.86 -11.47 -41.85
CA LEU E 298 10.74 -10.32 -41.97
C LEU E 298 11.84 -10.34 -40.90
N LYS E 299 13.08 -10.21 -41.37
CA LYS E 299 14.25 -10.19 -40.50
C LYS E 299 15.06 -8.92 -40.81
N PRO E 300 15.97 -8.53 -39.90
CA PRO E 300 16.89 -7.43 -40.22
C PRO E 300 17.76 -7.73 -41.45
N GLY E 301 17.38 -7.15 -42.58
CA GLY E 301 18.18 -7.24 -43.81
C GLY E 301 17.82 -8.34 -44.79
N TRP E 302 16.90 -9.23 -44.40
CA TRP E 302 16.46 -10.30 -45.30
C TRP E 302 15.02 -10.76 -45.08
N VAL E 303 14.48 -11.47 -46.07
CA VAL E 303 13.12 -11.99 -46.04
C VAL E 303 13.15 -13.51 -46.16
N ASP E 304 12.44 -14.19 -45.25
CA ASP E 304 12.25 -15.63 -45.34
C ASP E 304 11.02 -15.94 -46.20
N TYR E 305 11.26 -16.35 -47.44
CA TYR E 305 10.19 -16.62 -48.40
C TYR E 305 9.60 -18.03 -48.30
N GLU E 306 10.26 -18.90 -47.54
CA GLU E 306 9.89 -20.32 -47.48
C GLU E 306 8.88 -20.66 -46.40
N LYS E 307 9.09 -20.12 -45.20
CA LYS E 307 8.24 -20.43 -44.05
C LYS E 307 6.89 -19.73 -44.13
N ASN E 308 5.85 -20.47 -43.76
CA ASN E 308 4.50 -19.95 -43.69
C ASN E 308 4.04 -19.82 -42.23
N HIS E 309 3.64 -18.61 -41.85
CA HIS E 309 3.18 -18.33 -40.49
C HIS E 309 1.73 -17.84 -40.48
N SER E 310 1.16 -17.61 -41.65
CA SER E 310 -0.20 -17.08 -41.79
C SER E 310 -1.25 -18.17 -42.00
N GLY E 311 -0.82 -19.30 -42.55
CA GLY E 311 -1.74 -20.38 -42.92
C GLY E 311 -2.42 -20.12 -44.26
N LEU E 312 -1.83 -19.23 -45.06
CA LEU E 312 -2.41 -18.82 -46.35
C LEU E 312 -1.39 -18.87 -47.48
N TRP E 313 -1.81 -19.42 -48.61
CA TRP E 313 -0.98 -19.53 -49.82
C TRP E 313 -1.73 -18.95 -51.01
N MET E 314 -0.99 -18.37 -51.96
CA MET E 314 -1.58 -17.84 -53.19
C MET E 314 -0.56 -17.73 -54.33
N PRO E 315 -1.02 -17.60 -55.58
CA PRO E 315 -0.09 -17.31 -56.67
C PRO E 315 0.48 -15.90 -56.55
N LYS E 316 1.79 -15.78 -56.70
CA LYS E 316 2.52 -14.52 -56.52
C LYS E 316 2.06 -13.41 -57.49
N GLU E 317 1.68 -13.80 -58.70
CA GLU E 317 1.23 -12.85 -59.72
C GLU E 317 -0.15 -12.26 -59.42
N ARG E 318 -0.91 -12.95 -58.57
CA ARG E 318 -2.26 -12.56 -58.20
C ARG E 318 -2.27 -11.62 -56.99
N ALA E 319 -1.08 -11.35 -56.44
CA ALA E 319 -0.94 -10.50 -55.25
C ALA E 319 -1.31 -9.05 -55.49
N LYS E 320 -1.09 -8.56 -56.72
CA LYS E 320 -1.41 -7.18 -57.10
C LYS E 320 -2.91 -6.85 -57.07
N GLU E 321 -3.75 -7.89 -57.04
CA GLU E 321 -5.20 -7.73 -56.95
C GLU E 321 -5.65 -7.22 -55.57
N LEU E 322 -4.86 -7.50 -54.55
CA LEU E 322 -5.14 -6.99 -53.21
C LEU E 322 -4.51 -5.61 -52.99
N ARG E 323 -3.23 -5.49 -53.31
CA ARG E 323 -2.53 -4.19 -53.33
C ARG E 323 -1.62 -4.12 -54.55
N ASP E 324 -1.71 -3.02 -55.30
CA ASP E 324 -0.94 -2.85 -56.54
C ASP E 324 0.58 -2.90 -56.36
N PHE E 325 1.06 -2.44 -55.19
CA PHE E 325 2.49 -2.39 -54.92
C PHE E 325 3.15 -3.76 -54.65
N TYR E 326 2.32 -4.81 -54.51
CA TYR E 326 2.83 -6.17 -54.33
C TYR E 326 3.56 -6.72 -55.55
N ALA E 327 3.38 -6.07 -56.70
CA ALA E 327 4.04 -6.48 -57.95
C ALA E 327 5.42 -5.86 -58.12
N THR E 328 5.71 -4.84 -57.32
CA THR E 328 6.95 -4.08 -57.43
C THR E 328 7.88 -4.36 -56.24
N PRO E 329 9.15 -4.71 -56.51
CA PRO E 329 10.14 -4.85 -55.43
C PRO E 329 10.28 -3.54 -54.65
N HIS E 330 10.24 -3.63 -53.32
CA HIS E 330 10.19 -2.44 -52.48
C HIS E 330 10.71 -2.69 -51.06
N LEU E 331 10.83 -1.59 -50.30
CA LEU E 331 11.30 -1.62 -48.93
C LEU E 331 10.17 -1.98 -47.97
N VAL E 332 10.43 -2.93 -47.09
CA VAL E 332 9.48 -3.38 -46.08
C VAL E 332 10.05 -3.09 -44.68
N VAL E 333 9.25 -2.43 -43.85
CA VAL E 333 9.63 -2.12 -42.47
C VAL E 333 8.63 -2.73 -41.49
N ALA E 334 9.16 -3.26 -40.38
CA ALA E 334 8.36 -3.99 -39.38
C ALA E 334 7.47 -3.09 -38.52
N HIS E 335 6.34 -3.65 -38.10
CA HIS E 335 5.38 -2.93 -37.27
C HIS E 335 5.28 -3.47 -35.85
N THR E 336 5.30 -4.80 -35.70
CA THR E 336 5.11 -5.42 -34.39
C THR E 336 6.33 -6.24 -33.94
N LYS E 337 7.44 -5.53 -33.71
CA LYS E 337 8.67 -6.12 -33.17
C LYS E 337 9.19 -5.28 -32.00
N GLY E 338 8.28 -4.58 -31.33
CA GLY E 338 8.66 -3.62 -30.30
C GLY E 338 9.09 -2.31 -30.92
N THR E 339 9.56 -1.39 -30.08
CA THR E 339 10.05 -0.10 -30.57
C THR E 339 11.47 -0.25 -31.10
N ARG E 340 11.55 -0.64 -32.37
CA ARG E 340 12.82 -0.78 -33.09
C ARG E 340 12.57 -0.73 -34.60
N VAL E 341 13.64 -0.53 -35.36
CA VAL E 341 13.53 -0.45 -36.82
C VAL E 341 14.15 -1.71 -37.45
N VAL E 342 13.29 -2.53 -38.03
CA VAL E 342 13.69 -3.75 -38.74
C VAL E 342 13.25 -3.62 -40.19
N ALA E 343 14.22 -3.66 -41.10
CA ALA E 343 13.93 -3.44 -42.53
C ALA E 343 14.59 -4.46 -43.44
N ALA E 344 13.97 -4.69 -44.59
CA ALA E 344 14.53 -5.53 -45.66
C ALA E 344 13.96 -5.13 -47.02
N TRP E 345 14.74 -5.36 -48.07
CA TRP E 345 14.29 -5.14 -49.43
C TRP E 345 13.62 -6.41 -49.94
N ASP E 346 12.34 -6.30 -50.30
CA ASP E 346 11.60 -7.41 -50.90
C ASP E 346 11.90 -7.45 -52.39
N GLU E 347 12.95 -8.18 -52.75
CA GLU E 347 13.41 -8.31 -54.13
C GLU E 347 12.45 -9.09 -55.02
N ARG E 348 11.77 -10.07 -54.42
CA ARG E 348 10.89 -10.98 -55.16
C ARG E 348 9.49 -10.41 -55.40
N ALA E 349 9.04 -9.54 -54.49
CA ALA E 349 7.70 -8.95 -54.51
C ALA E 349 6.60 -10.00 -54.22
N TYR E 350 6.41 -10.28 -52.94
CA TYR E 350 5.47 -11.29 -52.47
C TYR E 350 4.20 -10.67 -51.89
N PRO E 351 3.13 -11.49 -51.71
CA PRO E 351 2.00 -11.02 -50.92
C PRO E 351 2.38 -10.92 -49.44
N TRP E 352 1.96 -9.82 -48.81
CA TRP E 352 2.21 -9.59 -47.38
C TRP E 352 0.89 -9.42 -46.63
N ARG E 353 0.81 -10.01 -45.45
CA ARG E 353 -0.35 -9.84 -44.58
C ARG E 353 -0.08 -8.78 -43.53
N GLU E 354 1.19 -8.44 -43.33
CA GLU E 354 1.59 -7.47 -42.31
C GLU E 354 2.70 -6.50 -42.79
N GLU E 355 3.05 -5.56 -41.92
CA GLU E 355 4.20 -4.65 -42.06
C GLU E 355 3.95 -3.43 -42.94
N PHE E 356 4.85 -2.45 -42.83
CA PHE E 356 4.80 -1.25 -43.67
C PHE E 356 5.45 -1.52 -45.02
N HIS E 357 4.92 -0.87 -46.05
CA HIS E 357 5.46 -0.99 -47.40
C HIS E 357 5.73 0.40 -47.97
N LEU E 358 7.01 0.65 -48.25
CA LEU E 358 7.46 1.99 -48.62
C LEU E 358 7.77 2.08 -50.11
N LEU E 359 7.00 2.92 -50.80
CA LEU E 359 7.19 3.14 -52.22
C LEU E 359 7.79 4.54 -52.45
N PRO E 360 8.95 4.60 -53.12
CA PRO E 360 9.62 5.87 -53.38
C PRO E 360 8.73 6.87 -54.12
N LYS E 361 8.80 8.12 -53.70
CA LYS E 361 8.05 9.20 -54.34
C LYS E 361 8.71 9.59 -55.67
N GLU E 362 8.04 10.43 -56.45
CA GLU E 362 8.57 10.87 -57.74
C GLU E 362 9.81 11.72 -57.58
N GLY E 363 10.87 11.37 -58.31
CA GLY E 363 12.13 12.09 -58.27
C GLY E 363 13.06 11.67 -57.15
N VAL E 364 12.72 10.57 -56.48
CA VAL E 364 13.52 10.06 -55.38
C VAL E 364 14.54 9.03 -55.87
N ARG E 365 15.83 9.34 -55.68
CA ARG E 365 16.92 8.40 -55.90
C ARG E 365 17.21 7.65 -54.61
N LEU E 366 17.39 6.35 -54.71
CA LEU E 366 17.68 5.52 -53.53
C LEU E 366 18.76 4.48 -53.76
N ASP E 367 19.44 4.11 -52.67
CA ASP E 367 20.35 2.97 -52.65
C ASP E 367 19.77 1.95 -51.67
N PRO E 368 19.02 0.96 -52.18
CA PRO E 368 18.27 0.00 -51.38
C PRO E 368 19.10 -0.68 -50.29
N SER E 369 20.23 -1.28 -50.66
CA SER E 369 21.07 -2.03 -49.72
C SER E 369 21.70 -1.16 -48.63
N SER E 370 22.08 0.07 -48.99
CA SER E 370 22.64 1.03 -48.04
C SER E 370 21.60 1.58 -47.08
N LEU E 371 20.39 1.83 -47.58
CA LEU E 371 19.29 2.33 -46.75
C LEU E 371 18.83 1.27 -45.74
N VAL E 372 18.80 0.01 -46.17
CA VAL E 372 18.44 -1.11 -45.29
C VAL E 372 19.46 -1.26 -44.15
N GLN E 373 20.74 -1.10 -44.48
CA GLN E 373 21.81 -1.14 -43.48
C GLN E 373 21.70 -0.04 -42.43
N TRP E 374 21.33 1.16 -42.89
CA TRP E 374 21.15 2.32 -42.01
C TRP E 374 19.93 2.16 -41.08
N LEU E 375 18.84 1.64 -41.62
CA LEU E 375 17.62 1.40 -40.84
C LEU E 375 17.80 0.30 -39.79
N ASN E 376 18.64 -0.69 -40.10
CA ASN E 376 18.94 -1.78 -39.17
C ASN E 376 20.14 -1.50 -38.24
N SER E 377 20.83 -0.38 -38.47
CA SER E 377 22.00 0.00 -37.68
C SER E 377 21.65 0.24 -36.22
N GLU E 378 22.66 0.12 -35.35
CA GLU E 378 22.47 0.27 -33.91
C GLU E 378 22.23 1.72 -33.49
N ALA E 379 22.67 2.65 -34.32
CA ALA E 379 22.42 4.08 -34.12
C ALA E 379 20.92 4.38 -34.24
N MET E 380 20.26 3.69 -35.17
CA MET E 380 18.83 3.87 -35.40
C MET E 380 17.98 3.21 -34.31
N GLN E 381 18.41 2.03 -33.85
CA GLN E 381 17.73 1.31 -32.77
C GLN E 381 17.75 2.11 -31.47
N LYS E 382 18.90 2.73 -31.19
CA LYS E 382 19.08 3.59 -30.02
C LYS E 382 18.26 4.87 -30.14
N HIS E 383 18.16 5.39 -31.36
CA HIS E 383 17.39 6.62 -31.64
C HIS E 383 15.90 6.48 -31.30
N VAL E 384 15.26 5.39 -31.75
CA VAL E 384 13.85 5.15 -31.48
C VAL E 384 13.57 4.74 -30.02
N ARG E 385 14.50 4.02 -29.41
CA ARG E 385 14.37 3.60 -28.01
C ARG E 385 14.48 4.80 -27.06
N THR E 386 15.29 5.79 -27.44
CA THR E 386 15.42 7.02 -26.64
C THR E 386 14.12 7.82 -26.67
N LEU E 387 13.57 8.03 -27.86
CA LEU E 387 12.39 8.86 -28.06
C LEU E 387 11.08 8.23 -27.58
N TYR E 388 10.91 6.93 -27.86
CA TYR E 388 9.61 6.28 -27.67
C TYR E 388 9.62 5.17 -26.61
N ARG E 389 10.81 4.82 -26.13
CA ARG E 389 10.98 3.80 -25.08
C ARG E 389 10.15 2.55 -25.34
N ASP E 390 9.28 2.21 -24.39
CA ASP E 390 8.39 1.06 -24.53
C ASP E 390 6.92 1.43 -24.42
N PHE E 391 6.57 2.66 -24.81
CA PHE E 391 5.19 3.15 -24.76
C PHE E 391 4.23 2.16 -25.42
N VAL E 392 4.58 1.74 -26.62
CA VAL E 392 3.79 0.79 -27.41
C VAL E 392 4.66 -0.37 -27.91
N PRO E 393 4.06 -1.55 -28.15
CA PRO E 393 4.83 -2.69 -28.66
C PRO E 393 5.05 -2.62 -30.18
N HIS E 394 5.18 -1.41 -30.70
CA HIS E 394 5.23 -1.17 -32.14
C HIS E 394 6.22 -0.09 -32.53
N LEU E 395 6.65 -0.14 -33.79
CA LEU E 395 7.12 1.05 -34.48
C LEU E 395 5.91 1.54 -35.27
N THR E 396 5.41 2.73 -34.92
CA THR E 396 4.20 3.25 -35.56
C THR E 396 4.57 4.10 -36.79
N LEU E 397 3.56 4.44 -37.59
CA LEU E 397 3.76 5.27 -38.78
C LEU E 397 4.39 6.62 -38.42
N ARG E 398 3.91 7.21 -37.33
CA ARG E 398 4.37 8.52 -36.88
C ARG E 398 5.83 8.53 -36.43
N MET E 399 6.30 7.40 -35.93
CA MET E 399 7.72 7.20 -35.61
C MET E 399 8.51 7.00 -36.90
N LEU E 400 7.97 6.15 -37.77
CA LEU E 400 8.61 5.75 -39.03
C LEU E 400 8.84 6.91 -40.01
N GLU E 401 7.84 7.76 -40.16
CA GLU E 401 7.90 8.89 -41.10
C GLU E 401 8.90 9.98 -40.69
N ARG E 402 9.27 9.99 -39.41
CA ARG E 402 10.19 11.00 -38.89
C ARG E 402 11.65 10.54 -38.84
N LEU E 403 11.90 9.29 -39.23
CA LEU E 403 13.26 8.73 -39.23
C LEU E 403 14.16 9.44 -40.24
N PRO E 404 15.34 9.90 -39.78
CA PRO E 404 16.23 10.70 -40.63
C PRO E 404 17.05 9.86 -41.62
N VAL E 405 17.09 10.33 -42.87
CA VAL E 405 17.83 9.67 -43.94
C VAL E 405 18.67 10.72 -44.67
N ARG E 406 20.00 10.57 -44.63
CA ARG E 406 20.90 11.49 -45.31
C ARG E 406 21.13 11.10 -46.78
N ARG E 407 21.69 12.03 -47.55
CA ARG E 407 21.82 11.91 -49.02
C ARG E 407 22.50 10.64 -49.52
N GLU E 408 23.35 10.04 -48.68
CA GLU E 408 24.04 8.80 -49.00
C GLU E 408 23.10 7.60 -49.24
N TYR E 409 21.90 7.67 -48.65
CA TYR E 409 20.95 6.57 -48.73
C TYR E 409 19.75 6.88 -49.62
N GLY E 410 19.22 8.10 -49.50
CA GLY E 410 18.07 8.53 -50.28
C GLY E 410 18.09 10.01 -50.58
N PHE E 411 17.94 10.34 -51.86
CA PHE E 411 18.00 11.72 -52.32
C PHE E 411 16.73 12.13 -53.06
N HIS E 412 16.24 13.34 -52.76
CA HIS E 412 15.08 13.89 -53.44
C HIS E 412 15.51 15.01 -54.40
N THR E 413 15.38 14.76 -55.70
CA THR E 413 15.79 15.72 -56.73
C THR E 413 14.79 16.86 -56.86
N VAL F 21 -20.78 0.33 29.31
CA VAL F 21 -19.69 -0.15 28.40
C VAL F 21 -20.25 -1.03 27.28
N GLU F 22 -20.19 -0.52 26.06
CA GLU F 22 -20.68 -1.23 24.89
C GLU F 22 -19.62 -1.35 23.79
N THR F 23 -19.71 -2.42 23.01
CA THR F 23 -18.85 -2.61 21.85
C THR F 23 -19.51 -1.98 20.62
N PRO F 24 -18.76 -1.14 19.89
CA PRO F 24 -19.23 -0.55 18.62
C PRO F 24 -19.74 -1.62 17.66
N PRO F 25 -20.87 -1.33 16.97
CA PRO F 25 -21.49 -2.24 15.99
C PRO F 25 -20.51 -2.72 14.91
N GLU F 26 -19.57 -1.86 14.53
CA GLU F 26 -18.57 -2.17 13.50
C GLU F 26 -17.59 -3.25 13.96
N VAL F 27 -17.27 -3.24 15.26
CA VAL F 27 -16.38 -4.24 15.86
C VAL F 27 -17.10 -5.57 16.01
N VAL F 28 -18.36 -5.52 16.45
CA VAL F 28 -19.18 -6.73 16.65
C VAL F 28 -19.36 -7.49 15.33
N ASP F 29 -19.74 -6.76 14.27
CA ASP F 29 -19.92 -7.34 12.93
C ASP F 29 -18.66 -8.06 12.44
N PHE F 30 -17.50 -7.43 12.66
CA PHE F 30 -16.21 -7.99 12.27
C PHE F 30 -15.86 -9.26 13.06
N MET F 31 -16.15 -9.25 14.36
CA MET F 31 -15.91 -10.41 15.21
C MET F 31 -16.83 -11.59 14.88
N VAL F 32 -18.07 -11.29 14.51
CA VAL F 32 -19.04 -12.31 14.10
C VAL F 32 -18.60 -13.03 12.81
N SER F 33 -18.03 -12.25 11.88
CA SER F 33 -17.50 -12.79 10.62
C SER F 33 -16.29 -13.71 10.83
N LEU F 34 -15.64 -13.56 11.99
CA LEU F 34 -14.52 -14.43 12.38
C LEU F 34 -15.00 -15.61 13.21
N ALA F 35 -16.15 -15.44 13.88
CA ALA F 35 -16.72 -16.47 14.75
C ALA F 35 -17.22 -17.66 13.96
N GLU F 36 -17.08 -18.85 14.55
CA GLU F 36 -17.38 -20.09 13.86
C GLU F 36 -17.85 -21.16 14.85
N ALA F 37 -18.89 -21.89 14.45
CA ALA F 37 -19.45 -22.97 15.26
C ALA F 37 -20.13 -24.00 14.36
N PRO F 38 -19.95 -25.30 14.65
CA PRO F 38 -20.68 -26.34 13.91
C PRO F 38 -22.17 -26.30 14.21
N ARG F 39 -22.97 -26.96 13.36
CA ARG F 39 -24.41 -27.08 13.57
C ARG F 39 -24.69 -27.75 14.93
N GLY F 40 -25.56 -27.11 15.72
CA GLY F 40 -25.91 -27.60 17.05
C GLY F 40 -24.87 -27.24 18.10
N GLY F 41 -23.91 -26.41 17.71
CA GLY F 41 -22.80 -26.03 18.56
C GLY F 41 -23.19 -25.18 19.76
N ARG F 42 -22.35 -25.22 20.79
CA ARG F 42 -22.57 -24.45 22.01
C ARG F 42 -21.84 -23.10 21.92
N VAL F 43 -22.61 -22.03 22.01
CA VAL F 43 -22.08 -20.67 21.86
C VAL F 43 -22.20 -19.93 23.20
N LEU F 44 -21.09 -19.35 23.66
CA LEU F 44 -21.05 -18.68 24.95
C LEU F 44 -20.58 -17.22 24.84
N GLU F 45 -21.30 -16.33 25.53
CA GLU F 45 -20.84 -14.96 25.74
C GLU F 45 -20.59 -14.68 27.22
N PRO F 46 -19.30 -14.57 27.62
CA PRO F 46 -18.96 -14.16 28.98
C PRO F 46 -19.20 -12.66 29.14
N ALA F 47 -19.54 -12.23 30.36
CA ALA F 47 -19.83 -10.83 30.65
C ALA F 47 -20.80 -10.25 29.62
N CYS F 48 -21.92 -10.95 29.45
CA CYS F 48 -22.84 -10.75 28.32
C CYS F 48 -23.77 -9.54 28.48
N ALA F 49 -24.21 -9.29 29.71
CA ALA F 49 -25.28 -8.33 30.01
C ALA F 49 -26.56 -8.63 29.19
N HIS F 50 -26.86 -7.79 28.21
CA HIS F 50 -28.03 -7.99 27.35
C HIS F 50 -27.73 -8.90 26.15
N GLY F 51 -26.46 -9.29 26.02
CA GLY F 51 -26.01 -10.26 25.02
C GLY F 51 -25.99 -9.79 23.56
N PRO F 52 -25.22 -8.74 23.25
CA PRO F 52 -25.15 -8.23 21.88
C PRO F 52 -24.45 -9.18 20.90
N PHE F 53 -23.52 -10.00 21.41
CA PHE F 53 -22.79 -10.95 20.58
C PHE F 53 -23.61 -12.20 20.23
N LEU F 54 -24.42 -12.67 21.17
CA LEU F 54 -25.32 -13.79 20.94
C LEU F 54 -26.40 -13.43 19.92
N ARG F 55 -26.91 -12.20 20.04
CA ARG F 55 -27.93 -11.69 19.12
C ARG F 55 -27.38 -11.55 17.71
N ALA F 56 -26.20 -10.91 17.59
CA ALA F 56 -25.56 -10.68 16.30
C ALA F 56 -25.14 -11.96 15.60
N PHE F 57 -24.62 -12.92 16.36
CA PHE F 57 -24.25 -14.24 15.82
C PHE F 57 -25.47 -14.96 15.28
N ARG F 58 -26.60 -14.87 15.99
CA ARG F 58 -27.84 -15.52 15.58
C ARG F 58 -28.45 -14.88 14.32
N GLU F 59 -28.35 -13.56 14.21
CA GLU F 59 -28.84 -12.83 13.03
C GLU F 59 -28.07 -13.23 11.78
N ALA F 60 -26.78 -13.48 11.93
CA ALA F 60 -25.89 -13.74 10.80
C ALA F 60 -25.68 -15.22 10.48
N HIS F 61 -25.78 -16.07 11.50
CA HIS F 61 -25.49 -17.51 11.34
C HIS F 61 -26.70 -18.43 11.50
N GLY F 62 -27.75 -17.97 12.18
CA GLY F 62 -28.98 -18.74 12.32
C GLY F 62 -29.27 -19.27 13.71
N THR F 63 -30.30 -20.11 13.81
CA THR F 63 -30.86 -20.55 15.09
C THR F 63 -30.37 -21.93 15.56
N ALA F 64 -29.67 -22.66 14.69
CA ALA F 64 -29.26 -24.03 14.98
C ALA F 64 -28.03 -24.11 15.91
N TYR F 65 -28.12 -23.44 17.06
CA TYR F 65 -27.06 -23.43 18.06
C TYR F 65 -27.69 -23.33 19.46
N ARG F 66 -26.92 -23.73 20.48
CA ARG F 66 -27.29 -23.44 21.86
C ARG F 66 -26.57 -22.18 22.32
N PHE F 67 -27.36 -21.17 22.72
CA PHE F 67 -26.82 -19.88 23.13
C PHE F 67 -26.82 -19.71 24.64
N VAL F 68 -25.65 -19.38 25.19
CA VAL F 68 -25.47 -19.23 26.64
C VAL F 68 -24.78 -17.90 26.94
N GLY F 69 -25.23 -17.23 28.00
CA GLY F 69 -24.60 -16.01 28.49
C GLY F 69 -24.36 -16.05 29.99
N VAL F 70 -23.19 -15.58 30.41
CA VAL F 70 -22.82 -15.53 31.83
C VAL F 70 -22.59 -14.08 32.26
N GLU F 71 -23.28 -13.67 33.34
CA GLU F 71 -23.22 -12.30 33.85
C GLU F 71 -23.25 -12.31 35.38
N ILE F 72 -22.42 -11.46 35.99
CA ILE F 72 -22.30 -11.40 37.46
C ILE F 72 -23.33 -10.47 38.12
N ASP F 73 -23.77 -9.45 37.38
CA ASP F 73 -24.66 -8.41 37.91
C ASP F 73 -26.12 -8.64 37.47
N PRO F 74 -27.01 -8.91 38.43
CA PRO F 74 -28.45 -9.13 38.20
C PRO F 74 -29.14 -8.05 37.37
N LYS F 75 -28.76 -6.80 37.59
CA LYS F 75 -29.32 -5.66 36.83
C LYS F 75 -28.91 -5.67 35.36
N ALA F 76 -27.76 -6.23 35.07
CA ALA F 76 -27.20 -6.23 33.72
C ALA F 76 -27.74 -7.35 32.83
N LEU F 77 -27.95 -8.53 33.43
CA LEU F 77 -28.41 -9.71 32.69
C LEU F 77 -29.83 -9.51 32.16
N ASP F 78 -29.94 -9.47 30.82
CA ASP F 78 -31.22 -9.27 30.15
C ASP F 78 -31.17 -9.93 28.77
N LEU F 79 -31.16 -11.26 28.77
CA LEU F 79 -31.04 -12.05 27.54
C LEU F 79 -32.39 -12.39 26.92
N PRO F 80 -32.42 -12.64 25.59
CA PRO F 80 -33.63 -13.14 24.93
C PRO F 80 -34.01 -14.53 25.45
N PRO F 81 -35.31 -14.89 25.37
CA PRO F 81 -35.81 -16.17 25.86
C PRO F 81 -35.18 -17.42 25.23
N TRP F 82 -34.57 -17.26 24.04
CA TRP F 82 -33.91 -18.37 23.36
C TRP F 82 -32.48 -18.65 23.85
N ALA F 83 -32.00 -17.82 24.77
CA ALA F 83 -30.67 -17.97 25.35
C ALA F 83 -30.76 -18.35 26.83
N GLU F 84 -29.80 -19.14 27.29
CA GLU F 84 -29.69 -19.49 28.71
C GLU F 84 -28.84 -18.46 29.45
N GLY F 85 -29.44 -17.83 30.45
CA GLY F 85 -28.76 -16.83 31.26
C GLY F 85 -28.29 -17.40 32.59
N ILE F 86 -27.02 -17.18 32.91
CA ILE F 86 -26.45 -17.66 34.17
C ILE F 86 -25.89 -16.48 34.97
N LEU F 87 -26.35 -16.35 36.21
CA LEU F 87 -25.81 -15.36 37.14
C LEU F 87 -24.65 -15.95 37.92
N ALA F 88 -23.44 -15.64 37.47
CA ALA F 88 -22.21 -16.18 38.07
C ALA F 88 -20.99 -15.35 37.72
N ASP F 89 -19.95 -15.48 38.55
CA ASP F 89 -18.62 -14.98 38.20
C ASP F 89 -18.04 -15.95 37.19
N PHE F 90 -17.83 -15.46 35.97
CA PHE F 90 -17.30 -16.27 34.87
C PHE F 90 -15.97 -16.94 35.21
N LEU F 91 -15.13 -16.21 35.95
CA LEU F 91 -13.78 -16.66 36.29
C LEU F 91 -13.75 -17.85 37.26
N LEU F 92 -14.82 -18.01 38.05
CA LEU F 92 -14.93 -19.11 39.00
C LEU F 92 -16.07 -20.07 38.63
N TRP F 93 -16.67 -19.85 37.46
CA TRP F 93 -17.81 -20.63 36.98
C TRP F 93 -17.37 -21.98 36.41
N GLU F 94 -18.08 -23.04 36.78
CA GLU F 94 -17.76 -24.39 36.29
C GLU F 94 -18.97 -25.09 35.66
N PRO F 95 -19.08 -25.01 34.32
CA PRO F 95 -20.15 -25.70 33.60
C PRO F 95 -19.87 -27.19 33.47
N GLY F 96 -20.88 -27.95 33.03
CA GLY F 96 -20.72 -29.38 32.82
C GLY F 96 -19.88 -29.69 31.59
N GLU F 97 -20.30 -29.13 30.45
CA GLU F 97 -19.67 -29.40 29.16
C GLU F 97 -18.96 -28.17 28.61
N ALA F 98 -17.88 -28.39 27.88
CA ALA F 98 -17.12 -27.33 27.21
C ALA F 98 -17.89 -26.74 26.03
N PHE F 99 -17.34 -25.68 25.43
CA PHE F 99 -18.03 -24.94 24.38
C PHE F 99 -17.35 -25.02 23.02
N ASP F 100 -18.14 -24.90 21.96
CA ASP F 100 -17.64 -24.88 20.59
C ASP F 100 -17.15 -23.49 20.21
N LEU F 101 -17.86 -22.47 20.69
CA LEU F 101 -17.50 -21.08 20.43
C LEU F 101 -17.71 -20.20 21.66
N ILE F 102 -16.71 -19.38 21.96
CA ILE F 102 -16.81 -18.37 23.01
C ILE F 102 -16.43 -17.01 22.42
N LEU F 103 -17.36 -16.06 22.50
CA LEU F 103 -17.14 -14.71 21.97
C LEU F 103 -17.62 -13.60 22.90
N GLY F 104 -17.03 -12.43 22.78
CA GLY F 104 -17.46 -11.27 23.55
C GLY F 104 -16.40 -10.23 23.86
N ASN F 105 -16.81 -9.26 24.67
CA ASN F 105 -15.96 -8.18 25.14
C ASN F 105 -15.82 -8.34 26.66
N PRO F 106 -14.69 -8.91 27.12
CA PRO F 106 -14.44 -9.05 28.55
C PRO F 106 -14.15 -7.70 29.22
N PRO F 107 -14.36 -7.61 30.56
CA PRO F 107 -13.94 -6.39 31.28
C PRO F 107 -12.43 -6.28 31.38
N TYR F 108 -11.92 -5.06 31.27
CA TYR F 108 -10.49 -4.80 31.42
C TYR F 108 -10.23 -4.08 32.75
N GLY F 109 -9.04 -4.29 33.31
CA GLY F 109 -8.64 -3.59 34.53
C GLY F 109 -7.80 -4.40 35.49
N ILE F 110 -6.95 -3.70 36.23
CA ILE F 110 -6.12 -4.30 37.27
C ILE F 110 -6.91 -4.34 38.58
N VAL F 111 -6.89 -5.50 39.23
CA VAL F 111 -7.50 -5.68 40.54
C VAL F 111 -6.56 -5.11 41.62
N GLY F 112 -7.03 -4.10 42.35
CA GLY F 112 -6.25 -3.46 43.40
C GLY F 112 -6.99 -2.36 44.13
N GLU F 113 -6.28 -1.63 44.99
CA GLU F 113 -6.85 -0.56 45.81
C GLU F 113 -7.50 0.54 44.96
N ALA F 114 -8.71 0.95 45.38
CA ALA F 114 -9.57 1.89 44.63
C ALA F 114 -8.93 3.24 44.29
N SER F 115 -8.02 3.71 45.14
CA SER F 115 -7.33 4.98 44.91
C SER F 115 -6.41 4.97 43.68
N LYS F 116 -6.06 3.77 43.21
CA LYS F 116 -5.13 3.60 42.11
C LYS F 116 -5.67 2.70 40.99
N TYR F 117 -6.46 1.69 41.35
CA TYR F 117 -6.93 0.68 40.40
C TYR F 117 -8.46 0.55 40.33
N PRO F 118 -8.99 0.21 39.14
CA PRO F 118 -10.45 0.25 38.89
C PRO F 118 -11.27 -0.95 39.38
N ILE F 119 -10.62 -2.12 39.56
CA ILE F 119 -11.35 -3.33 39.94
C ILE F 119 -11.21 -3.62 41.43
N HIS F 120 -12.34 -3.61 42.15
CA HIS F 120 -12.34 -3.74 43.60
C HIS F 120 -13.13 -4.96 44.07
N VAL F 121 -12.39 -5.99 44.50
CA VAL F 121 -12.98 -7.19 45.12
C VAL F 121 -12.26 -7.48 46.44
N PHE F 122 -12.77 -8.43 47.21
CA PHE F 122 -12.10 -8.87 48.44
C PHE F 122 -10.78 -9.56 48.11
N LYS F 123 -9.82 -9.49 49.03
CA LYS F 123 -8.52 -10.13 48.87
C LYS F 123 -8.67 -11.64 48.66
N ALA F 124 -9.62 -12.24 49.36
CA ALA F 124 -9.91 -13.67 49.27
C ALA F 124 -10.45 -14.08 47.90
N VAL F 125 -11.14 -13.16 47.23
CA VAL F 125 -11.62 -13.38 45.86
C VAL F 125 -10.45 -13.32 44.86
N LYS F 126 -9.54 -12.37 45.07
CA LYS F 126 -8.34 -12.26 44.24
C LYS F 126 -7.43 -13.49 44.42
N ASP F 127 -7.41 -14.02 45.64
CA ASP F 127 -6.68 -15.25 45.95
C ASP F 127 -7.25 -16.46 45.20
N LEU F 128 -8.56 -16.48 45.03
CA LEU F 128 -9.23 -17.51 44.23
C LEU F 128 -8.89 -17.38 42.75
N TYR F 129 -8.72 -16.14 42.29
CA TYR F 129 -8.30 -15.88 40.91
C TYR F 129 -6.89 -16.38 40.63
N LYS F 130 -5.98 -16.14 41.57
CA LYS F 130 -4.58 -16.60 41.45
C LYS F 130 -4.47 -18.13 41.47
N LYS F 131 -5.32 -18.76 42.29
CA LYS F 131 -5.38 -20.21 42.40
C LYS F 131 -5.87 -20.86 41.10
N ALA F 132 -6.85 -20.23 40.47
CA ALA F 132 -7.48 -20.77 39.27
C ALA F 132 -6.69 -20.52 37.99
N PHE F 133 -5.90 -19.44 37.96
CA PHE F 133 -5.24 -19.01 36.72
C PHE F 133 -3.71 -19.11 36.77
N SER F 134 -3.18 -20.03 35.96
CA SER F 134 -1.74 -20.28 35.89
C SER F 134 -0.97 -19.17 35.14
N THR F 135 -1.70 -18.34 34.40
CA THR F 135 -1.10 -17.25 33.63
C THR F 135 -1.00 -15.95 34.42
N TRP F 136 -1.66 -15.92 35.59
CA TRP F 136 -1.63 -14.74 36.46
C TRP F 136 -0.20 -14.37 36.86
N LYS F 137 0.23 -13.18 36.43
CA LYS F 137 1.59 -12.70 36.68
C LYS F 137 1.57 -11.21 37.02
N GLY F 138 2.38 -10.83 38.01
CA GLY F 138 2.45 -9.44 38.47
C GLY F 138 1.11 -8.96 38.97
N LYS F 139 0.77 -7.72 38.62
CA LYS F 139 -0.55 -7.17 38.94
C LYS F 139 -1.63 -7.80 38.07
N TYR F 140 -1.25 -8.15 36.83
CA TYR F 140 -2.11 -8.80 35.83
C TYR F 140 -3.36 -7.99 35.48
N ASN F 141 -4.31 -8.63 34.81
CA ASN F 141 -5.53 -7.98 34.35
C ASN F 141 -6.70 -8.95 34.25
N LEU F 142 -7.92 -8.42 34.35
CA LEU F 142 -9.15 -9.20 34.20
C LEU F 142 -9.26 -9.87 32.83
N TYR F 143 -8.88 -9.15 31.77
CA TYR F 143 -9.01 -9.66 30.40
C TYR F 143 -8.05 -10.83 30.12
N GLY F 144 -6.94 -10.88 30.84
CA GLY F 144 -6.01 -12.00 30.77
C GLY F 144 -6.57 -13.23 31.46
N ALA F 145 -7.24 -13.00 32.59
CA ALA F 145 -7.92 -14.06 33.34
C ALA F 145 -9.14 -14.59 32.57
N PHE F 146 -9.85 -13.69 31.90
CA PHE F 146 -10.96 -14.05 31.01
C PHE F 146 -10.50 -14.87 29.81
N LEU F 147 -9.32 -14.53 29.29
CA LEU F 147 -8.72 -15.26 28.17
C LEU F 147 -8.38 -16.71 28.52
N GLU F 148 -7.67 -16.91 29.63
CA GLU F 148 -7.28 -18.26 30.07
C GLU F 148 -8.48 -19.11 30.45
N LYS F 149 -9.48 -18.48 31.07
CA LYS F 149 -10.71 -19.18 31.46
C LYS F 149 -11.46 -19.68 30.23
N ALA F 150 -11.56 -18.82 29.21
CA ALA F 150 -12.24 -19.16 27.97
C ALA F 150 -11.56 -20.29 27.19
N VAL F 151 -10.23 -20.32 27.23
CA VAL F 151 -9.47 -21.40 26.60
C VAL F 151 -9.74 -22.74 27.29
N ARG F 152 -9.82 -22.71 28.63
CA ARG F 152 -10.06 -23.91 29.43
C ARG F 152 -11.49 -24.44 29.31
N LEU F 153 -12.44 -23.55 29.01
CA LEU F 153 -13.84 -23.95 28.83
C LEU F 153 -14.16 -24.32 27.38
N LEU F 154 -13.10 -24.38 26.57
CA LEU F 154 -13.24 -24.62 25.13
C LEU F 154 -13.02 -26.10 24.80
N LYS F 155 -13.85 -26.62 23.90
CA LYS F 155 -13.72 -27.98 23.38
C LYS F 155 -12.49 -28.10 22.48
N PRO F 156 -11.96 -29.33 22.31
CA PRO F 156 -10.92 -29.55 21.29
C PRO F 156 -11.45 -29.13 19.91
N GLY F 157 -10.71 -28.24 19.26
CA GLY F 157 -11.14 -27.65 17.98
C GLY F 157 -12.03 -26.43 18.15
N GLY F 158 -12.32 -26.05 19.39
CA GLY F 158 -13.19 -24.92 19.70
C GLY F 158 -12.58 -23.57 19.38
N VAL F 159 -13.44 -22.59 19.07
CA VAL F 159 -12.99 -21.26 18.63
C VAL F 159 -13.29 -20.18 19.68
N LEU F 160 -12.34 -19.28 19.87
CA LEU F 160 -12.46 -18.14 20.78
C LEU F 160 -12.29 -16.84 19.98
N VAL F 161 -13.21 -15.90 20.15
CA VAL F 161 -13.09 -14.56 19.54
C VAL F 161 -13.38 -13.47 20.57
N PHE F 162 -12.32 -12.84 21.05
CA PHE F 162 -12.41 -11.76 22.05
C PHE F 162 -11.86 -10.45 21.50
N VAL F 163 -12.39 -9.33 21.99
CA VAL F 163 -11.78 -8.02 21.75
C VAL F 163 -11.16 -7.49 23.05
N VAL F 164 -9.86 -7.26 23.01
CA VAL F 164 -9.05 -6.94 24.20
C VAL F 164 -8.02 -5.85 23.88
N PRO F 165 -7.43 -5.22 24.93
CA PRO F 165 -6.30 -4.32 24.71
C PRO F 165 -5.13 -5.01 24.02
N ALA F 166 -4.30 -4.23 23.33
CA ALA F 166 -3.15 -4.75 22.58
C ALA F 166 -1.95 -5.01 23.48
N THR F 167 -2.08 -4.70 24.76
CA THR F 167 -0.95 -4.68 25.70
C THR F 167 -0.31 -6.04 25.94
N TRP F 168 -1.09 -7.11 25.75
CA TRP F 168 -0.61 -8.48 25.98
C TRP F 168 0.41 -8.97 24.94
N LEU F 169 0.49 -8.26 23.81
CA LEU F 169 1.44 -8.59 22.75
C LEU F 169 2.90 -8.33 23.16
N VAL F 170 3.11 -7.32 24.01
CA VAL F 170 4.45 -6.86 24.35
C VAL F 170 4.84 -6.97 25.84
N LEU F 171 3.86 -6.84 26.74
CA LEU F 171 4.13 -6.68 28.17
C LEU F 171 4.47 -7.97 28.91
N GLU F 172 5.35 -7.85 29.90
CA GLU F 172 5.84 -8.97 30.70
C GLU F 172 4.78 -9.64 31.57
N ASP F 173 3.79 -8.87 32.01
CA ASP F 173 2.67 -9.41 32.80
C ASP F 173 1.89 -10.49 32.05
N PHE F 174 2.00 -10.49 30.72
CA PHE F 174 1.27 -11.42 29.88
C PHE F 174 2.18 -12.44 29.18
N ALA F 175 3.40 -12.59 29.70
CA ALA F 175 4.37 -13.56 29.17
C ALA F 175 3.90 -15.00 29.34
N LEU F 176 3.31 -15.30 30.50
CA LEU F 176 2.74 -16.63 30.75
C LEU F 176 1.47 -16.85 29.93
N LEU F 177 0.71 -15.79 29.70
CA LEU F 177 -0.49 -15.84 28.85
C LEU F 177 -0.14 -16.16 27.39
N ARG F 178 0.90 -15.50 26.86
CA ARG F 178 1.36 -15.73 25.49
C ARG F 178 1.86 -17.17 25.29
N GLU F 179 2.66 -17.65 26.23
CA GLU F 179 3.19 -19.02 26.20
C GLU F 179 2.09 -20.06 26.32
N PHE F 180 1.07 -19.75 27.14
CA PHE F 180 -0.11 -20.59 27.31
C PHE F 180 -0.86 -20.75 25.98
N LEU F 181 -1.20 -19.63 25.34
CA LEU F 181 -1.91 -19.63 24.06
C LEU F 181 -1.13 -20.39 22.97
N ALA F 182 0.20 -20.27 23.01
CA ALA F 182 1.08 -20.88 22.02
C ALA F 182 1.09 -22.41 22.09
N ARG F 183 0.98 -22.96 23.30
CA ARG F 183 0.99 -24.41 23.49
C ARG F 183 -0.41 -25.06 23.50
N GLU F 184 -1.45 -24.24 23.60
CA GLU F 184 -2.84 -24.73 23.69
C GLU F 184 -3.55 -24.81 22.34
N GLY F 185 -3.07 -24.05 21.36
CA GLY F 185 -3.65 -24.06 20.02
C GLY F 185 -3.02 -23.06 19.08
N LYS F 186 -3.79 -22.64 18.08
CA LYS F 186 -3.36 -21.63 17.11
C LYS F 186 -4.04 -20.28 17.38
N THR F 187 -3.29 -19.20 17.18
CA THR F 187 -3.76 -17.85 17.50
C THR F 187 -3.67 -16.90 16.30
N SER F 188 -4.74 -16.13 16.10
CA SER F 188 -4.75 -15.05 15.11
C SER F 188 -5.01 -13.72 15.79
N VAL F 189 -4.14 -12.74 15.53
CA VAL F 189 -4.26 -11.41 16.12
C VAL F 189 -4.60 -10.38 15.04
N TYR F 190 -5.73 -9.69 15.24
CA TYR F 190 -6.20 -8.68 14.32
C TYR F 190 -6.13 -7.31 14.98
N TYR F 191 -5.21 -6.47 14.53
CA TYR F 191 -5.03 -5.14 15.11
C TYR F 191 -6.11 -4.17 14.65
N LEU F 192 -6.81 -3.58 15.61
CA LEU F 192 -7.84 -2.57 15.33
C LEU F 192 -7.37 -1.15 15.69
N GLY F 193 -6.78 -1.02 16.88
CA GLY F 193 -6.33 0.27 17.39
C GLY F 193 -7.37 0.92 18.29
N GLU F 194 -7.35 2.25 18.34
CA GLU F 194 -8.27 3.01 19.19
C GLU F 194 -9.64 3.16 18.54
N VAL F 195 -10.45 2.11 18.62
CA VAL F 195 -11.76 2.06 17.98
C VAL F 195 -12.93 2.33 18.95
N PHE F 196 -12.60 2.53 20.23
CA PHE F 196 -13.61 2.87 21.22
C PHE F 196 -13.58 4.37 21.53
N PRO F 197 -14.65 5.10 21.16
CA PRO F 197 -14.76 6.53 21.44
C PRO F 197 -14.72 6.85 22.94
N GLN F 198 -13.90 7.84 23.30
CA GLN F 198 -13.66 8.28 24.70
C GLN F 198 -13.14 7.20 25.66
N LYS F 199 -12.86 6.01 25.13
CA LYS F 199 -12.16 4.97 25.88
CA LYS F 199 -12.17 4.96 25.88
C LYS F 199 -10.70 4.89 25.44
N LYS F 200 -9.81 5.23 26.36
CA LYS F 200 -8.37 5.28 26.08
C LYS F 200 -7.77 3.88 26.06
N VAL F 201 -7.89 3.21 24.92
CA VAL F 201 -7.39 1.84 24.75
C VAL F 201 -7.15 1.49 23.27
N SER F 202 -5.98 0.91 23.00
CA SER F 202 -5.66 0.36 21.69
C SER F 202 -6.05 -1.12 21.68
N ALA F 203 -6.92 -1.49 20.75
CA ALA F 203 -7.55 -2.80 20.77
C ALA F 203 -7.06 -3.77 19.69
N VAL F 204 -7.06 -5.06 20.04
CA VAL F 204 -6.88 -6.14 19.07
C VAL F 204 -8.04 -7.14 19.18
N VAL F 205 -8.33 -7.83 18.09
CA VAL F 205 -9.21 -8.99 18.12
C VAL F 205 -8.35 -10.24 18.11
N ILE F 206 -8.60 -11.14 19.05
CA ILE F 206 -7.89 -12.41 19.11
C ILE F 206 -8.83 -13.56 18.68
N ARG F 207 -8.41 -14.29 17.65
CA ARG F 207 -9.10 -15.51 17.25
C ARG F 207 -8.24 -16.71 17.61
N PHE F 208 -8.66 -17.44 18.64
CA PHE F 208 -7.95 -18.62 19.09
C PHE F 208 -8.76 -19.88 18.75
N GLN F 209 -8.06 -20.89 18.23
CA GLN F 209 -8.65 -22.21 18.04
C GLN F 209 -7.83 -23.24 18.84
N LYS F 210 -8.54 -24.09 19.59
CA LYS F 210 -7.91 -25.08 20.45
C LYS F 210 -7.46 -26.33 19.67
N SER F 211 -6.66 -26.09 18.63
CA SER F 211 -6.07 -27.14 17.80
C SER F 211 -4.95 -26.56 16.96
N GLY F 212 -3.90 -27.34 16.75
CA GLY F 212 -2.75 -26.91 15.95
C GLY F 212 -1.79 -26.03 16.72
N LYS F 213 -1.06 -25.18 15.99
CA LYS F 213 -0.03 -24.32 16.56
C LYS F 213 0.20 -23.07 15.71
N GLY F 214 1.00 -22.15 16.24
CA GLY F 214 1.46 -21.00 15.47
C GLY F 214 0.65 -19.72 15.66
N LEU F 215 1.18 -18.63 15.11
CA LEU F 215 0.56 -17.32 15.23
C LEU F 215 0.38 -16.68 13.86
N SER F 216 -0.78 -16.05 13.66
CA SER F 216 -1.03 -15.23 12.47
C SER F 216 -1.26 -13.78 12.90
N LEU F 217 -0.55 -12.85 12.27
CA LEU F 217 -0.70 -11.43 12.57
C LEU F 217 -1.39 -10.70 11.42
N TRP F 218 -2.45 -9.96 11.76
CA TRP F 218 -3.26 -9.27 10.76
C TRP F 218 -3.39 -7.79 11.08
N ASP F 219 -3.37 -6.98 10.03
CA ASP F 219 -3.75 -5.57 10.13
C ASP F 219 -5.21 -5.47 9.68
N THR F 220 -5.86 -4.37 10.02
CA THR F 220 -7.24 -4.13 9.56
C THR F 220 -7.40 -2.74 8.94
N GLN F 221 -8.41 -2.62 8.08
CA GLN F 221 -8.84 -1.33 7.56
C GLN F 221 -10.35 -1.25 7.64
N GLU F 222 -10.89 -0.03 7.77
CA GLU F 222 -12.33 0.18 7.83
C GLU F 222 -13.01 -0.25 6.53
N SER F 223 -14.18 -0.87 6.68
CA SER F 223 -15.00 -1.24 5.53
C SER F 223 -16.40 -0.61 5.66
N GLU F 224 -17.33 -1.05 4.81
CA GLU F 224 -18.68 -0.49 4.76
C GLU F 224 -19.46 -0.74 6.05
N SER F 225 -19.34 -1.94 6.61
CA SER F 225 -20.10 -2.34 7.79
C SER F 225 -19.25 -2.87 8.94
N GLY F 226 -17.94 -3.00 8.71
CA GLY F 226 -17.03 -3.49 9.74
C GLY F 226 -15.57 -3.21 9.44
N PHE F 227 -14.76 -4.27 9.48
CA PHE F 227 -13.34 -4.17 9.19
C PHE F 227 -12.91 -5.26 8.21
N THR F 228 -11.88 -4.96 7.42
CA THR F 228 -11.31 -5.91 6.48
C THR F 228 -9.90 -6.27 6.93
N PRO F 229 -9.63 -7.57 7.14
CA PRO F 229 -8.33 -8.01 7.60
C PRO F 229 -7.31 -8.11 6.47
N ILE F 230 -6.09 -7.61 6.73
CA ILE F 230 -4.97 -7.72 5.80
C ILE F 230 -3.86 -8.50 6.49
N LEU F 231 -3.45 -9.61 5.90
CA LEU F 231 -2.39 -10.45 6.48
C LEU F 231 -1.05 -9.74 6.50
N TRP F 232 -0.41 -9.75 7.66
CA TRP F 232 0.89 -9.11 7.82
C TRP F 232 2.02 -10.14 7.90
N ALA F 233 1.94 -11.04 8.87
CA ALA F 233 2.98 -12.03 9.10
C ALA F 233 2.44 -13.33 9.69
N GLU F 234 3.20 -14.41 9.51
CA GLU F 234 2.85 -15.71 10.07
C GLU F 234 4.04 -16.32 10.79
N TYR F 235 3.82 -16.74 12.03
CA TYR F 235 4.87 -17.35 12.85
C TYR F 235 4.42 -18.75 13.28
N PRO F 236 4.67 -19.76 12.43
CA PRO F 236 4.22 -21.14 12.69
C PRO F 236 4.87 -21.79 13.92
N HIS F 237 6.04 -21.29 14.33
CA HIS F 237 6.76 -21.87 15.47
C HIS F 237 6.65 -21.03 16.74
N TRP F 238 5.69 -20.09 16.76
CA TRP F 238 5.47 -19.19 17.88
C TRP F 238 5.33 -19.95 19.21
N GLU F 239 6.17 -19.58 20.18
CA GLU F 239 6.16 -20.19 21.50
C GLU F 239 5.86 -19.17 22.61
N GLY F 240 5.25 -18.05 22.23
CA GLY F 240 4.85 -17.04 23.19
C GLY F 240 5.77 -15.84 23.27
N GLU F 241 6.59 -15.65 22.25
CA GLU F 241 7.47 -14.48 22.14
C GLU F 241 6.65 -13.20 21.95
N ILE F 242 7.28 -12.06 22.23
CA ILE F 242 6.66 -10.75 22.01
C ILE F 242 6.21 -10.61 20.54
N ILE F 243 4.99 -10.12 20.36
CA ILE F 243 4.40 -9.97 19.03
C ILE F 243 4.61 -8.54 18.51
N ARG F 244 5.28 -8.44 17.36
CA ARG F 244 5.63 -7.16 16.75
C ARG F 244 5.28 -7.12 15.27
N PHE F 245 5.06 -5.92 14.73
CA PHE F 245 4.90 -5.73 13.30
C PHE F 245 6.27 -5.52 12.63
N GLU F 246 6.89 -6.61 12.21
CA GLU F 246 8.21 -6.58 11.59
C GLU F 246 8.14 -6.34 10.09
N THR F 247 9.17 -5.69 9.56
CA THR F 247 9.31 -5.46 8.12
C THR F 247 10.72 -5.83 7.68
N GLU F 248 11.01 -5.66 6.38
CA GLU F 248 12.36 -5.84 5.84
C GLU F 248 13.31 -4.83 6.46
N GLU F 249 12.83 -3.59 6.60
CA GLU F 249 13.59 -2.49 7.19
C GLU F 249 13.94 -2.68 8.66
N THR F 250 12.98 -3.15 9.47
CA THR F 250 13.22 -3.37 10.90
C THR F 250 14.19 -4.52 11.16
N ARG F 251 14.15 -5.54 10.30
CA ARG F 251 15.03 -6.70 10.41
C ARG F 251 16.48 -6.36 10.02
N LYS F 252 16.64 -5.51 9.01
CA LYS F 252 17.95 -5.05 8.56
C LYS F 252 18.68 -4.27 9.65
N LEU F 253 17.95 -3.34 10.28
CA LEU F 253 18.51 -2.46 11.31
C LEU F 253 18.94 -3.23 12.55
N GLU F 254 18.15 -4.23 12.94
CA GLU F 254 18.43 -5.02 14.15
C GLU F 254 19.68 -5.90 14.03
N ILE F 255 19.94 -6.44 12.84
CA ILE F 255 21.15 -7.24 12.61
C ILE F 255 22.38 -6.39 12.24
N SER F 256 22.15 -5.10 12.00
CA SER F 256 23.22 -4.17 11.63
C SER F 256 24.05 -3.69 12.83
N GLY F 257 23.47 -3.77 14.03
CA GLY F 257 24.14 -3.30 15.22
C GLY F 257 23.97 -4.21 16.43
N MET F 258 24.73 -3.94 17.47
CA MET F 258 24.63 -4.66 18.74
C MET F 258 23.43 -4.13 19.52
N PRO F 259 22.65 -5.04 20.15
CA PRO F 259 21.54 -4.63 21.01
C PRO F 259 22.00 -3.69 22.13
N LEU F 260 21.19 -2.68 22.42
CA LEU F 260 21.50 -1.68 23.46
C LEU F 260 21.65 -2.32 24.85
N GLY F 261 20.96 -3.43 25.07
CA GLY F 261 21.02 -4.16 26.34
C GLY F 261 22.32 -4.91 26.56
N ASP F 262 23.05 -5.14 25.47
CA ASP F 262 24.36 -5.79 25.54
C ASP F 262 25.47 -4.80 25.93
N LEU F 263 25.20 -3.51 25.71
CA LEU F 263 26.16 -2.46 26.00
C LEU F 263 25.90 -1.75 27.33
N PHE F 264 24.69 -1.91 27.86
CA PHE F 264 24.25 -1.17 29.04
C PHE F 264 23.55 -2.03 30.09
N HIS F 265 23.79 -1.72 31.35
CA HIS F 265 22.90 -2.14 32.43
C HIS F 265 21.75 -1.14 32.45
N ILE F 266 20.53 -1.63 32.34
CA ILE F 266 19.36 -0.75 32.37
C ILE F 266 18.65 -0.87 33.72
N ARG F 267 18.64 0.23 34.46
CA ARG F 267 17.98 0.31 35.75
C ARG F 267 16.87 1.36 35.69
N PHE F 268 15.86 1.20 36.53
CA PHE F 268 14.80 2.19 36.61
C PHE F 268 15.02 3.11 37.81
N ALA F 269 14.44 4.31 37.73
CA ALA F 269 14.55 5.29 38.80
C ALA F 269 13.87 4.81 40.08
N ALA F 270 14.30 5.36 41.21
CA ALA F 270 13.62 5.16 42.48
C ALA F 270 12.20 5.70 42.38
N ARG F 271 11.25 4.99 42.99
CA ARG F 271 9.83 5.34 42.88
C ARG F 271 9.46 6.44 43.88
N SER F 272 8.30 7.04 43.67
CA SER F 272 7.86 8.19 44.49
C SER F 272 7.77 7.97 46.01
N PRO F 273 7.28 6.78 46.46
CA PRO F 273 7.26 6.53 47.91
C PRO F 273 8.64 6.43 48.55
N GLU F 274 9.65 6.04 47.76
CA GLU F 274 11.04 5.95 48.24
C GLU F 274 11.59 7.34 48.58
N PHE F 275 11.21 8.34 47.79
CA PHE F 275 11.58 9.72 48.05
C PHE F 275 10.82 10.29 49.25
N LYS F 276 9.53 9.98 49.33
CA LYS F 276 8.64 10.49 50.38
C LYS F 276 9.10 10.15 51.81
N LYS F 277 9.68 8.96 51.98
CA LYS F 277 10.12 8.51 53.30
C LYS F 277 11.60 8.77 53.60
N HIS F 278 12.31 9.34 52.62
CA HIS F 278 13.72 9.71 52.79
C HIS F 278 13.81 11.00 53.63
N PRO F 279 14.65 10.98 54.68
CA PRO F 279 14.77 12.08 55.65
C PRO F 279 15.23 13.43 55.09
N ALA F 280 15.90 13.42 53.94
CA ALA F 280 16.43 14.64 53.34
C ALA F 280 15.45 15.30 52.36
N VAL F 281 14.43 14.57 51.95
CA VAL F 281 13.46 15.05 50.96
C VAL F 281 12.46 16.04 51.59
N ARG F 282 12.24 17.15 50.90
CA ARG F 282 11.31 18.20 51.34
C ARG F 282 10.21 18.46 50.31
N LYS F 283 9.09 19.00 50.77
CA LYS F 283 7.97 19.36 49.89
C LYS F 283 8.06 20.82 49.45
N GLU F 284 9.13 21.49 49.86
CA GLU F 284 9.32 22.91 49.62
C GLU F 284 10.78 23.20 49.27
N PRO F 285 11.03 24.10 48.31
CA PRO F 285 12.40 24.49 47.96
C PRO F 285 13.14 25.18 49.11
N GLY F 286 14.46 25.07 49.12
CA GLY F 286 15.29 25.64 50.18
C GLY F 286 16.77 25.64 49.85
N PRO F 287 17.62 25.99 50.84
CA PRO F 287 19.07 26.05 50.63
C PRO F 287 19.67 24.68 50.34
N GLY F 288 20.21 24.53 49.14
CA GLY F 288 20.88 23.30 48.72
C GLY F 288 19.95 22.18 48.29
N LEU F 289 18.69 22.51 48.03
CA LEU F 289 17.72 21.53 47.55
C LEU F 289 17.49 21.68 46.05
N VAL F 290 17.50 20.56 45.35
CA VAL F 290 17.21 20.53 43.91
C VAL F 290 15.91 19.78 43.65
N PRO F 291 15.22 20.10 42.54
CA PRO F 291 14.00 19.39 42.20
C PRO F 291 14.24 17.91 41.84
N VAL F 292 13.39 17.03 42.36
CA VAL F 292 13.40 15.63 41.94
C VAL F 292 12.73 15.54 40.57
N LEU F 293 13.50 15.08 39.58
CA LEU F 293 13.08 15.13 38.19
C LEU F 293 12.14 14.00 37.80
N THR F 294 11.24 14.30 36.86
CA THR F 294 10.35 13.30 36.27
C THR F 294 10.53 13.28 34.75
N GLY F 295 9.62 12.61 34.04
CA GLY F 295 9.65 12.54 32.59
C GLY F 295 9.42 13.87 31.89
N ARG F 296 8.74 14.78 32.58
CA ARG F 296 8.47 16.13 32.06
C ARG F 296 9.72 17.01 32.00
N ASN F 297 10.77 16.58 32.69
CA ASN F 297 12.06 17.26 32.67
C ASN F 297 12.98 16.72 31.58
N LEU F 298 12.69 15.52 31.09
CA LEU F 298 13.46 14.89 30.02
C LEU F 298 12.96 15.33 28.65
N LYS F 299 13.91 15.76 27.82
CA LYS F 299 13.62 16.25 26.47
C LYS F 299 14.57 15.56 25.50
N PRO F 300 14.27 15.59 24.18
CA PRO F 300 15.22 15.05 23.21
C PRO F 300 16.55 15.81 23.22
N GLY F 301 17.59 15.14 23.72
CA GLY F 301 18.95 15.68 23.70
C GLY F 301 19.34 16.59 24.86
N TRP F 302 18.38 16.95 25.71
CA TRP F 302 18.65 17.82 26.85
C TRP F 302 17.68 17.60 28.02
N VAL F 303 18.04 18.15 29.18
CA VAL F 303 17.23 18.04 30.39
C VAL F 303 16.93 19.44 30.96
N ASP F 304 15.69 19.65 31.38
CA ASP F 304 15.32 20.86 32.12
C ASP F 304 15.49 20.63 33.62
N TYR F 305 16.36 21.42 34.24
CA TYR F 305 16.64 21.30 35.66
C TYR F 305 15.94 22.38 36.50
N GLU F 306 15.15 23.23 35.82
CA GLU F 306 14.53 24.39 36.47
C GLU F 306 13.16 24.11 37.07
N LYS F 307 12.25 23.59 36.23
CA LYS F 307 10.87 23.32 36.66
C LYS F 307 10.77 22.07 37.52
N ASN F 308 9.99 22.18 38.59
CA ASN F 308 9.70 21.04 39.46
C ASN F 308 8.30 20.52 39.19
N HIS F 309 8.23 19.26 38.73
CA HIS F 309 6.97 18.63 38.36
C HIS F 309 6.52 17.58 39.37
N SER F 310 7.43 17.12 40.21
CA SER F 310 7.15 16.06 41.18
C SER F 310 6.58 16.58 42.51
N GLY F 311 6.90 17.82 42.84
CA GLY F 311 6.52 18.41 44.12
C GLY F 311 7.48 18.04 45.24
N LEU F 312 8.65 17.51 44.85
CA LEU F 312 9.66 17.05 45.80
C LEU F 312 11.01 17.71 45.58
N TRP F 313 11.71 17.99 46.67
CA TRP F 313 13.05 18.57 46.66
C TRP F 313 13.97 17.77 47.57
N MET F 314 15.26 17.75 47.24
CA MET F 314 16.26 17.09 48.08
C MET F 314 17.67 17.60 47.79
N PRO F 315 18.61 17.43 48.75
CA PRO F 315 20.01 17.80 48.49
C PRO F 315 20.60 16.90 47.41
N LYS F 316 21.23 17.53 46.41
CA LYS F 316 21.80 16.80 45.27
C LYS F 316 22.89 15.83 45.71
N GLU F 317 23.62 16.19 46.76
CA GLU F 317 24.68 15.37 47.34
C GLU F 317 24.17 14.06 47.95
N ARG F 318 22.90 14.06 48.37
CA ARG F 318 22.30 12.90 49.03
C ARG F 318 21.44 12.03 48.11
N ALA F 319 21.35 12.41 46.83
CA ALA F 319 20.59 11.66 45.83
C ALA F 319 21.06 10.23 45.66
N LYS F 320 22.36 10.00 45.85
CA LYS F 320 22.97 8.68 45.68
C LYS F 320 22.53 7.65 46.74
N GLU F 321 21.92 8.12 47.81
CA GLU F 321 21.42 7.24 48.88
C GLU F 321 20.18 6.46 48.46
N LEU F 322 19.47 6.96 47.46
CA LEU F 322 18.32 6.27 46.86
C LEU F 322 18.80 5.27 45.80
N ARG F 323 19.56 5.77 44.83
CA ARG F 323 20.26 4.93 43.86
C ARG F 323 21.67 5.45 43.67
N ASP F 324 22.66 4.56 43.74
CA ASP F 324 24.06 4.94 43.66
C ASP F 324 24.45 5.62 42.34
N PHE F 325 23.75 5.28 41.26
CA PHE F 325 24.05 5.83 39.93
C PHE F 325 23.62 7.29 39.74
N TYR F 326 22.93 7.86 40.73
CA TYR F 326 22.59 9.29 40.72
C TYR F 326 23.81 10.18 40.97
N ALA F 327 24.91 9.57 41.42
CA ALA F 327 26.15 10.28 41.72
C ALA F 327 26.99 10.58 40.49
N THR F 328 26.82 9.78 39.44
CA THR F 328 27.59 9.92 38.20
C THR F 328 26.71 10.28 37.00
N PRO F 329 27.25 11.07 36.05
CA PRO F 329 26.55 11.37 34.80
C PRO F 329 26.32 10.11 33.95
N HIS F 330 25.12 9.99 33.38
CA HIS F 330 24.73 8.80 32.63
C HIS F 330 23.61 9.08 31.63
N LEU F 331 23.38 8.11 30.74
CA LEU F 331 22.29 8.18 29.76
C LEU F 331 20.95 7.92 30.41
N VAL F 332 20.00 8.83 30.15
CA VAL F 332 18.62 8.69 30.64
C VAL F 332 17.68 8.58 29.45
N VAL F 333 16.83 7.55 29.45
CA VAL F 333 15.88 7.32 28.35
C VAL F 333 14.43 7.31 28.87
N ALA F 334 13.53 7.94 28.11
CA ALA F 334 12.15 8.11 28.51
C ALA F 334 11.34 6.81 28.54
N HIS F 335 10.37 6.74 29.46
CA HIS F 335 9.51 5.59 29.60
C HIS F 335 8.05 5.89 29.22
N THR F 336 7.56 7.09 29.56
CA THR F 336 6.17 7.44 29.30
C THR F 336 6.05 8.67 28.35
N LYS F 337 6.40 8.45 27.09
CA LYS F 337 6.24 9.47 26.05
C LYS F 337 5.64 8.83 24.79
N GLY F 338 4.89 7.75 24.98
CA GLY F 338 4.37 6.97 23.87
C GLY F 338 5.45 6.03 23.36
N THR F 339 5.21 5.40 22.22
CA THR F 339 6.22 4.54 21.62
C THR F 339 7.22 5.40 20.83
N ARG F 340 8.16 5.96 21.59
CA ARG F 340 9.18 6.87 21.08
C ARG F 340 10.49 6.57 21.80
N VAL F 341 11.60 6.99 21.20
CA VAL F 341 12.89 6.92 21.87
C VAL F 341 13.42 8.33 22.12
N VAL F 342 13.24 8.79 23.36
CA VAL F 342 13.69 10.12 23.78
C VAL F 342 14.80 9.95 24.81
N ALA F 343 15.98 10.47 24.49
CA ALA F 343 17.18 10.26 25.31
C ALA F 343 17.99 11.55 25.52
N ALA F 344 18.62 11.64 26.69
CA ALA F 344 19.53 12.73 27.02
C ALA F 344 20.57 12.29 28.05
N TRP F 345 21.73 12.93 28.00
CA TRP F 345 22.80 12.69 28.96
C TRP F 345 22.62 13.61 30.17
N ASP F 346 22.51 13.02 31.35
CA ASP F 346 22.37 13.79 32.59
C ASP F 346 23.75 14.27 33.06
N GLU F 347 24.12 15.46 32.60
CA GLU F 347 25.43 16.06 32.90
C GLU F 347 25.63 16.38 34.38
N ARG F 348 24.57 16.83 35.03
CA ARG F 348 24.65 17.32 36.41
C ARG F 348 24.53 16.22 37.46
N ALA F 349 23.92 15.09 37.07
CA ALA F 349 23.64 13.96 37.98
C ALA F 349 22.64 14.31 39.09
N TYR F 350 21.40 14.57 38.66
CA TYR F 350 20.28 14.92 39.53
C TYR F 350 19.54 13.67 40.04
N PRO F 351 18.70 13.83 41.08
CA PRO F 351 17.77 12.76 41.45
C PRO F 351 16.61 12.64 40.47
N TRP F 352 16.24 11.40 40.14
CA TRP F 352 15.14 11.15 39.21
C TRP F 352 14.07 10.28 39.85
N ARG F 353 12.82 10.64 39.60
CA ARG F 353 11.68 9.87 40.11
C ARG F 353 11.17 8.90 39.04
N GLU F 354 11.53 9.16 37.78
CA GLU F 354 11.06 8.37 36.64
C GLU F 354 12.17 8.06 35.63
N GLU F 355 11.81 7.28 34.60
CA GLU F 355 12.64 7.01 33.41
C GLU F 355 13.67 5.89 33.60
N PHE F 356 14.22 5.42 32.48
CA PHE F 356 15.28 4.43 32.48
C PHE F 356 16.63 5.10 32.69
N HIS F 357 17.54 4.39 33.35
CA HIS F 357 18.88 4.90 33.61
C HIS F 357 19.93 3.87 33.19
N LEU F 358 20.68 4.24 32.16
CA LEU F 358 21.58 3.31 31.48
C LEU F 358 23.03 3.49 31.92
N LEU F 359 23.61 2.41 32.43
CA LEU F 359 24.99 2.41 32.91
C LEU F 359 25.85 1.50 32.04
N PRO F 360 26.95 2.03 31.50
CA PRO F 360 27.82 1.29 30.59
C PRO F 360 28.42 0.04 31.24
N LYS F 361 28.36 -1.08 30.54
CA LYS F 361 28.98 -2.32 31.01
C LYS F 361 30.50 -2.24 30.92
N GLU F 362 31.20 -3.16 31.57
CA GLU F 362 32.66 -3.17 31.55
C GLU F 362 33.19 -3.54 30.17
N GLY F 363 34.08 -2.69 29.66
CA GLY F 363 34.68 -2.90 28.34
C GLY F 363 33.91 -2.23 27.21
N VAL F 364 32.94 -1.41 27.58
CA VAL F 364 32.12 -0.70 26.60
C VAL F 364 32.68 0.68 26.28
N ARG F 365 33.04 0.88 25.02
CA ARG F 365 33.40 2.19 24.49
C ARG F 365 32.16 2.85 23.92
N LEU F 366 32.00 4.15 24.17
CA LEU F 366 30.86 4.89 23.66
C LEU F 366 31.17 6.36 23.43
N ASP F 367 30.59 6.91 22.36
CA ASP F 367 30.57 8.35 22.15
C ASP F 367 29.18 8.84 22.54
N PRO F 368 29.07 9.40 23.77
CA PRO F 368 27.78 9.78 24.38
C PRO F 368 26.92 10.69 23.50
N SER F 369 27.52 11.75 22.97
CA SER F 369 26.80 12.73 22.15
C SER F 369 26.28 12.15 20.84
N SER F 370 27.06 11.26 20.22
CA SER F 370 26.67 10.63 18.97
C SER F 370 25.60 9.54 19.17
N LEU F 371 25.68 8.86 20.32
CA LEU F 371 24.68 7.86 20.70
C LEU F 371 23.33 8.50 20.99
N VAL F 372 23.36 9.63 21.69
CA VAL F 372 22.15 10.39 22.04
C VAL F 372 21.41 10.87 20.77
N GLN F 373 22.15 11.42 19.82
CA GLN F 373 21.56 11.90 18.55
C GLN F 373 21.06 10.76 17.66
N TRP F 374 21.65 9.57 17.83
CA TRP F 374 21.19 8.37 17.14
C TRP F 374 19.88 7.86 17.74
N LEU F 375 19.77 7.89 19.07
CA LEU F 375 18.57 7.46 19.77
C LEU F 375 17.39 8.41 19.55
N ASN F 376 17.69 9.69 19.33
CA ASN F 376 16.66 10.69 19.06
C ASN F 376 16.33 10.87 17.57
N SER F 377 17.05 10.14 16.72
CA SER F 377 16.90 10.25 15.27
C SER F 377 15.54 9.73 14.78
N GLU F 378 15.08 10.27 13.65
CA GLU F 378 13.81 9.85 13.04
C GLU F 378 13.82 8.40 12.58
N ALA F 379 14.98 7.90 12.21
CA ALA F 379 15.15 6.48 11.86
C ALA F 379 14.82 5.58 13.04
N MET F 380 15.15 6.04 14.25
CA MET F 380 14.87 5.31 15.48
C MET F 380 13.40 5.43 15.88
N GLN F 381 12.82 6.61 15.68
CA GLN F 381 11.41 6.86 15.99
C GLN F 381 10.47 6.05 15.09
N LYS F 382 10.84 5.95 13.82
CA LYS F 382 10.09 5.15 12.84
C LYS F 382 10.24 3.65 13.12
N HIS F 383 11.42 3.27 13.58
CA HIS F 383 11.73 1.86 13.92
C HIS F 383 10.84 1.32 15.03
N VAL F 384 10.58 2.13 16.05
CA VAL F 384 9.71 1.70 17.17
C VAL F 384 8.22 1.87 16.84
N ARG F 385 7.89 2.87 16.03
CA ARG F 385 6.51 3.07 15.56
C ARG F 385 6.02 1.90 14.73
N THR F 386 6.92 1.33 13.92
CA THR F 386 6.59 0.19 13.06
C THR F 386 6.36 -1.07 13.88
N LEU F 387 7.30 -1.40 14.76
CA LEU F 387 7.26 -2.64 15.54
C LEU F 387 6.13 -2.71 16.56
N TYR F 388 5.91 -1.61 17.28
CA TYR F 388 5.04 -1.63 18.46
C TYR F 388 3.81 -0.74 18.33
N ARG F 389 3.75 0.05 17.26
CA ARG F 389 2.62 0.93 16.98
C ARG F 389 2.17 1.70 18.22
N ASP F 390 0.94 1.45 18.68
CA ASP F 390 0.41 2.09 19.88
C ASP F 390 -0.14 1.10 20.89
N PHE F 391 0.45 -0.10 20.94
CA PHE F 391 0.02 -1.15 21.87
C PHE F 391 -0.02 -0.64 23.31
N VAL F 392 1.06 0.01 23.73
CA VAL F 392 1.19 0.59 25.06
C VAL F 392 1.69 2.04 24.99
N PRO F 393 1.27 2.89 25.95
CA PRO F 393 1.73 4.28 25.97
C PRO F 393 3.16 4.44 26.52
N HIS F 394 4.02 3.46 26.24
CA HIS F 394 5.35 3.41 26.81
C HIS F 394 6.40 2.91 25.81
N LEU F 395 7.65 3.26 26.07
CA LEU F 395 8.78 2.47 25.60
C LEU F 395 9.17 1.58 26.77
N THR F 396 8.93 0.28 26.63
CA THR F 396 9.20 -0.66 27.73
C THR F 396 10.66 -1.11 27.72
N LEU F 397 11.06 -1.83 28.77
CA LEU F 397 12.41 -2.35 28.91
C LEU F 397 12.77 -3.33 27.78
N ARG F 398 11.81 -4.19 27.43
CA ARG F 398 12.00 -5.19 26.37
C ARG F 398 12.14 -4.55 24.99
N MET F 399 11.56 -3.37 24.81
CA MET F 399 11.72 -2.59 23.58
C MET F 399 13.08 -1.91 23.54
N LEU F 400 13.49 -1.37 24.68
CA LEU F 400 14.71 -0.57 24.81
C LEU F 400 15.99 -1.39 24.65
N GLU F 401 16.03 -2.55 25.30
CA GLU F 401 17.20 -3.43 25.27
C GLU F 401 17.51 -4.00 23.87
N ARG F 402 16.51 -3.98 23.00
CA ARG F 402 16.62 -4.53 21.64
C ARG F 402 17.00 -3.49 20.59
N LEU F 403 17.12 -2.23 20.98
CA LEU F 403 17.46 -1.15 20.06
C LEU F 403 18.88 -1.32 19.50
N PRO F 404 19.03 -1.21 18.17
CA PRO F 404 20.30 -1.50 17.51
C PRO F 404 21.31 -0.37 17.65
N VAL F 405 22.52 -0.71 18.07
CA VAL F 405 23.62 0.25 18.19
C VAL F 405 24.89 -0.32 17.54
N ARG F 406 25.33 0.30 16.45
CA ARG F 406 26.53 -0.12 15.75
C ARG F 406 27.80 0.49 16.34
N ARG F 407 28.94 0.20 15.70
CA ARG F 407 30.27 0.55 16.23
C ARG F 407 30.53 2.07 16.30
N GLU F 408 29.84 2.84 15.46
CA GLU F 408 29.98 4.30 15.42
C GLU F 408 29.55 4.99 16.73
N TYR F 409 28.70 4.32 17.50
CA TYR F 409 28.16 4.90 18.73
C TYR F 409 28.58 4.14 19.98
N GLY F 410 28.60 2.81 19.89
CA GLY F 410 28.96 1.95 21.01
C GLY F 410 29.65 0.69 20.58
N PHE F 411 30.69 0.30 21.32
CA PHE F 411 31.48 -0.87 20.99
C PHE F 411 31.89 -1.64 22.24
N HIS F 412 31.50 -2.91 22.30
CA HIS F 412 31.87 -3.80 23.38
C HIS F 412 33.19 -4.50 23.02
N THR F 413 34.15 -4.45 23.94
CA THR F 413 35.46 -5.07 23.72
C THR F 413 35.63 -6.34 24.55
N NEA G . -9.41 1.09 -9.74
CB NEA G . -9.14 -0.35 -10.01
CG NEA G . -9.01 -0.66 -11.50
SD NEA G . -10.42 -0.07 -12.50
C5' NEA G . -11.41 -1.54 -12.08
C4' NEA G . -12.62 -1.20 -11.22
O4' NEA G . -13.39 -0.20 -11.83
C3' NEA G . -13.54 -2.40 -11.03
O3' NEA G . -13.87 -2.48 -9.66
C2' NEA G . -14.77 -2.08 -11.86
O2' NEA G . -15.96 -2.58 -11.28
C1' NEA G . -14.76 -0.56 -11.93
N9 NEA G . -15.33 0.01 -13.17
C8 NEA G . -15.16 -0.45 -14.46
N7 NEA G . -15.85 0.37 -15.29
C5 NEA G . -16.44 1.33 -14.57
C6 NEA G . -17.25 2.41 -14.92
N6 NEA G . -17.57 2.63 -16.19
N1 NEA G . -17.74 3.25 -13.94
C2 NEA G . -17.42 3.03 -12.61
N3 NEA G . -16.60 1.97 -12.27
C4 NEA G . -16.13 1.12 -13.22
N NEA H . -19.24 -6.93 27.72
CB NEA H . -19.32 -5.49 28.05
CG NEA H . -18.13 -5.00 28.87
SD NEA H . -17.63 -6.13 30.19
C5' NEA H . -18.71 -5.28 31.37
C4' NEA H . -19.83 -6.19 31.88
O4' NEA H . -19.30 -7.42 32.35
C3' NEA H . -20.60 -5.58 33.04
O3' NEA H . -21.98 -5.66 32.75
C2' NEA H . -20.26 -6.44 34.24
O2' NEA H . -21.35 -6.63 35.12
C1' NEA H . -19.82 -7.75 33.62
N9 NEA H . -18.82 -8.47 34.43
C8 NEA H . -17.75 -7.92 35.10
N7 NEA H . -17.08 -8.92 35.71
C5 NEA H . -17.68 -10.10 35.43
C6 NEA H . -17.41 -11.41 35.80
N6 NEA H . -16.36 -11.69 36.58
N1 NEA H . -18.24 -12.43 35.36
C2 NEA H . -19.32 -12.15 34.55
N3 NEA H . -19.58 -10.83 34.19
C4 NEA H . -18.79 -9.83 34.62
#